data_2GYX
# 
_entry.id   2GYX 
# 
_audit_conform.dict_name       mmcif_pdbx.dic 
_audit_conform.dict_version    5.377 
_audit_conform.dict_location   http://mmcif.pdb.org/dictionaries/ascii/mmcif_pdbx.dic 
# 
loop_
_database_2.database_id 
_database_2.database_code 
_database_2.pdbx_database_accession 
_database_2.pdbx_DOI 
PDB   2GYX         pdb_00002gyx 10.2210/pdb2gyx/pdb 
NDB   DD0082       ?            ?                   
RCSB  RCSB037719   ?            ?                   
WWPDB D_1000037719 ?            ?                   
# 
_pdbx_database_status.status_code                     REL 
_pdbx_database_status.entry_id                        2GYX 
_pdbx_database_status.recvd_initial_deposition_date   2006-05-10 
_pdbx_database_status.deposit_site                    RCSB 
_pdbx_database_status.process_site                    RCSB 
_pdbx_database_status.status_code_sf                  REL 
_pdbx_database_status.status_code_mr                  ? 
_pdbx_database_status.SG_entry                        ? 
_pdbx_database_status.pdb_format_compatible           Y 
_pdbx_database_status.status_code_cs                  ? 
_pdbx_database_status.methods_development_category    ? 
_pdbx_database_status.status_code_nmr_data            ? 
# 
loop_
_audit_author.name 
_audit_author.pdbx_ordinal 
'Lee, M.P.H.' 1 
'Neidle, S.'  2 
# 
_citation.id                        primary 
_citation.title                     
;Induced fit conformational changes of a "reversed amidine" heterocycle: optimized interactions in a DNA minor groove complex.
;
_citation.journal_abbrev            J.Am.Chem.Soc. 
_citation.journal_volume            129 
_citation.page_first                5688 
_citation.page_last                 5698 
_citation.year                      2007 
_citation.journal_id_ASTM           JACSAT 
_citation.country                   US 
_citation.journal_id_ISSN           0002-7863 
_citation.journal_id_CSD            0004 
_citation.book_publisher            ? 
_citation.pdbx_database_id_PubMed   17425312 
_citation.pdbx_database_id_DOI      10.1021/ja069003n 
# 
loop_
_citation_author.citation_id 
_citation_author.name 
_citation_author.ordinal 
_citation_author.identifier_ORCID 
primary 'Munde, M.'    1 ? 
primary 'Lee, M.P.H.'  2 ? 
primary 'Neidle, S.'   3 ? 
primary 'Arafa, R.'    4 ? 
primary 'Boykin, D.W.' 5 ? 
primary 'Liu, Y.'      6 ? 
primary 'Bailly, C.'   7 ? 
primary 'Wilson, W.D.' 8 ? 
# 
_cell.entry_id           2GYX 
_cell.length_a           24.380 
_cell.length_b           40.102 
_cell.length_c           65.627 
_cell.angle_alpha        90.00 
_cell.angle_beta         90.00 
_cell.angle_gamma        90.00 
_cell.Z_PDB              8 
_cell.pdbx_unique_axis   ? 
_cell.length_a_esd       ? 
_cell.length_b_esd       ? 
_cell.length_c_esd       ? 
_cell.angle_alpha_esd    ? 
_cell.angle_beta_esd     ? 
_cell.angle_gamma_esd    ? 
# 
_symmetry.entry_id                         2GYX 
_symmetry.space_group_name_H-M             'P 21 21 21' 
_symmetry.pdbx_full_space_group_name_H-M   ? 
_symmetry.cell_setting                     ? 
_symmetry.Int_Tables_number                19 
_symmetry.space_group_name_Hall            ? 
# 
loop_
_entity.id 
_entity.type 
_entity.src_method 
_entity.pdbx_description 
_entity.formula_weight 
_entity.pdbx_number_of_molecules 
_entity.pdbx_ec 
_entity.pdbx_mutation 
_entity.pdbx_fragment 
_entity.details 
1 polymer     syn "5'-D(*CP*GP*CP*GP*AP*AP*TP*TP*CP*GP*CP*G)-3'"                       3663.392 2  ? ? ? ? 
2 non-polymer syn 'MAGNESIUM ION'                                                      24.305   1  ? ? ? ? 
3 non-polymer syn "N,N'-(1H-PYRROLE-2,5-DIYLDI-4,1-PHENYLENE)DIBENZENECARBOXIMIDAMIDE" 455.553  1  ? ? ? ? 
4 water       nat water                                                                18.015   44 ? ? ? ? 
# 
_entity_poly.entity_id                      1 
_entity_poly.type                           polydeoxyribonucleotide 
_entity_poly.nstd_linkage                   no 
_entity_poly.nstd_monomer                   no 
_entity_poly.pdbx_seq_one_letter_code       '(DC)(DG)(DC)(DG)(DA)(DA)(DT)(DT)(DC)(DG)(DC)(DG)' 
_entity_poly.pdbx_seq_one_letter_code_can   CGCGAATTCGCG 
_entity_poly.pdbx_strand_id                 A,B 
_entity_poly.pdbx_target_identifier         ? 
# 
loop_
_entity_poly_seq.entity_id 
_entity_poly_seq.num 
_entity_poly_seq.mon_id 
_entity_poly_seq.hetero 
1 1  DC n 
1 2  DG n 
1 3  DC n 
1 4  DG n 
1 5  DA n 
1 6  DA n 
1 7  DT n 
1 8  DT n 
1 9  DC n 
1 10 DG n 
1 11 DC n 
1 12 DG n 
# 
_pdbx_entity_src_syn.entity_id              1 
_pdbx_entity_src_syn.pdbx_src_id            1 
_pdbx_entity_src_syn.pdbx_alt_source_flag   sample 
_pdbx_entity_src_syn.pdbx_beg_seq_num       ? 
_pdbx_entity_src_syn.pdbx_end_seq_num       ? 
_pdbx_entity_src_syn.organism_scientific    ? 
_pdbx_entity_src_syn.organism_common_name   ? 
_pdbx_entity_src_syn.ncbi_taxonomy_id       ? 
_pdbx_entity_src_syn.details                'AT-RICH REGION IN THE GENOME OF ORGANISMS.' 
# 
_struct_ref.id                         1 
_struct_ref.entity_id                  1 
_struct_ref.db_name                    PDB 
_struct_ref.db_code                    2GYX 
_struct_ref.pdbx_db_accession          2GYX 
_struct_ref.pdbx_db_isoform            ? 
_struct_ref.pdbx_seq_one_letter_code   ? 
_struct_ref.pdbx_align_begin           ? 
# 
loop_
_struct_ref_seq.align_id 
_struct_ref_seq.ref_id 
_struct_ref_seq.pdbx_PDB_id_code 
_struct_ref_seq.pdbx_strand_id 
_struct_ref_seq.seq_align_beg 
_struct_ref_seq.pdbx_seq_align_beg_ins_code 
_struct_ref_seq.seq_align_end 
_struct_ref_seq.pdbx_seq_align_end_ins_code 
_struct_ref_seq.pdbx_db_accession 
_struct_ref_seq.db_align_beg 
_struct_ref_seq.pdbx_db_align_beg_ins_code 
_struct_ref_seq.db_align_end 
_struct_ref_seq.pdbx_db_align_end_ins_code 
_struct_ref_seq.pdbx_auth_seq_align_beg 
_struct_ref_seq.pdbx_auth_seq_align_end 
1 1 2GYX A 1 ? 12 ? 2GYX 1  ? 12 ? 1  12 
2 1 2GYX B 1 ? 12 ? 2GYX 13 ? 24 ? 13 24 
# 
loop_
_chem_comp.id 
_chem_comp.type 
_chem_comp.mon_nstd_flag 
_chem_comp.name 
_chem_comp.pdbx_synonyms 
_chem_comp.formula 
_chem_comp.formula_weight 
DA  'DNA linking' y "2'-DEOXYADENOSINE-5'-MONOPHOSPHATE"                                 ? 'C10 H14 N5 O6 P' 331.222 
DC  'DNA linking' y "2'-DEOXYCYTIDINE-5'-MONOPHOSPHATE"                                  ? 'C9 H14 N3 O7 P'  307.197 
DG  'DNA linking' y "2'-DEOXYGUANOSINE-5'-MONOPHOSPHATE"                                 ? 'C10 H14 N5 O7 P' 347.221 
DT  'DNA linking' y "THYMIDINE-5'-MONOPHOSPHATE"                                         ? 'C10 H15 N2 O8 P' 322.208 
HOH non-polymer   . WATER                                                                ? 'H2 O'            18.015  
MG  non-polymer   . 'MAGNESIUM ION'                                                      ? 'Mg 2'            24.305  
RKA non-polymer   . "N,N'-(1H-PYRROLE-2,5-DIYLDI-4,1-PHENYLENE)DIBENZENECARBOXIMIDAMIDE" ? 'C30 H25 N5'      455.553 
# 
_exptl.entry_id          2GYX 
_exptl.method            'X-RAY DIFFRACTION' 
_exptl.crystals_number   1 
# 
_exptl_crystal.id                    1 
_exptl_crystal.density_meas          ? 
_exptl_crystal.density_Matthews      2.10 
_exptl_crystal.density_percent_sol   41.36 
_exptl_crystal.description           ? 
_exptl_crystal.F_000                 ? 
_exptl_crystal.preparation           ? 
# 
_exptl_crystal_grow.crystal_id      1 
_exptl_crystal_grow.method          'VAPOR DIFFUSION, SITTING DROP' 
_exptl_crystal_grow.temp            293 
_exptl_crystal_grow.temp_details    ? 
_exptl_crystal_grow.pH              7.00 
_exptl_crystal_grow.pdbx_details    
'MAGNESIUM CHLORIDE, MPD, DNA, COMPOUND DB 884, SODIUM CACODYLATE BUFFER, VAPOR DIFFUSION, SITTING DROP, temperature 293K, pH 7.00' 
_exptl_crystal_grow.pdbx_pH_range   . 
# 
loop_
_exptl_crystal_grow_comp.crystal_id 
_exptl_crystal_grow_comp.id 
_exptl_crystal_grow_comp.sol_id 
_exptl_crystal_grow_comp.name 
_exptl_crystal_grow_comp.volume 
_exptl_crystal_grow_comp.conc 
_exptl_crystal_grow_comp.details 
1 1 1 'MAGNESIUM CHLORIDE' ? ? ? 
1 2 1 MPD                  ? ? ? 
1 3 1 'SODIUM CACODYLATE'  ? ? ? 
1 4 1 H2O                  ? ? ? 
1 5 2 'MAGNESIUM CHLORIDE' ? ? ? 
1 6 2 MPD                  ? ? ? 
1 7 2 'SODIUM CACODYLATE'  ? ? ? 
# 
_diffrn.id                     1 
_diffrn.ambient_temp           105.0 
_diffrn.ambient_temp_details   ? 
_diffrn.crystal_id             1 
# 
_diffrn_detector.diffrn_id              1 
_diffrn_detector.detector               'IMAGE PLATE' 
_diffrn_detector.type                   'RIGAKU RAXIS IV' 
_diffrn_detector.pdbx_collection_date   2006-02-10 
_diffrn_detector.details                'OSMIC FOCUSING MIRROR SYSTEM' 
# 
_diffrn_radiation.diffrn_id                        1 
_diffrn_radiation.wavelength_id                    1 
_diffrn_radiation.pdbx_monochromatic_or_laue_m_l   M 
_diffrn_radiation.monochromator                    'NI FILTER' 
_diffrn_radiation.pdbx_diffrn_protocol             'SINGLE WAVELENGTH' 
_diffrn_radiation.pdbx_scattering_type             x-ray 
# 
_diffrn_radiation_wavelength.id           1 
_diffrn_radiation_wavelength.wavelength   1.54178 
_diffrn_radiation_wavelength.wt           1.0 
# 
_diffrn_source.diffrn_id                   1 
_diffrn_source.source                      'ROTATING ANODE' 
_diffrn_source.type                        'RIGAKU RU200' 
_diffrn_source.pdbx_synchrotron_site       ? 
_diffrn_source.pdbx_synchrotron_beamline   ? 
_diffrn_source.pdbx_wavelength             1.54178 
_diffrn_source.pdbx_wavelength_list        ? 
# 
_reflns.entry_id                     2GYX 
_reflns.observed_criterion_sigma_I   0.000 
_reflns.observed_criterion_sigma_F   ? 
_reflns.d_resolution_low             25.000 
_reflns.d_resolution_high            1.860 
_reflns.number_obs                   5536 
_reflns.number_all                   ? 
_reflns.percent_possible_obs         94.7 
_reflns.pdbx_Rmerge_I_obs            0.043 
_reflns.pdbx_Rsym_value              ? 
_reflns.pdbx_netI_over_sigmaI        35.9306 
_reflns.B_iso_Wilson_estimate        ? 
_reflns.pdbx_redundancy              2.850 
_reflns.R_free_details               ? 
_reflns.pdbx_chi_squared             ? 
_reflns.pdbx_scaling_rejects         ? 
_reflns.pdbx_diffrn_id               1 
_reflns.pdbx_ordinal                 1 
# 
_reflns_shell.d_res_high             1.86 
_reflns_shell.d_res_low              1.93 
_reflns_shell.percent_possible_all   91.3 
_reflns_shell.Rmerge_I_obs           0.214 
_reflns_shell.pdbx_Rsym_value        ? 
_reflns_shell.meanI_over_sigI_obs    4.3099 
_reflns_shell.pdbx_redundancy        ? 
_reflns_shell.percent_possible_obs   ? 
_reflns_shell.number_unique_all      ? 
_reflns_shell.number_measured_all    ? 
_reflns_shell.number_measured_obs    ? 
_reflns_shell.number_unique_obs      ? 
_reflns_shell.pdbx_chi_squared       ? 
_reflns_shell.pdbx_diffrn_id         ? 
_reflns_shell.pdbx_ordinal           1 
# 
_refine.entry_id                                 2GYX 
_refine.ls_number_reflns_obs                     ? 
_refine.ls_number_reflns_all                     5430 
_refine.pdbx_ls_sigma_I                          ? 
_refine.pdbx_ls_sigma_F                          4.000 
_refine.pdbx_data_cutoff_high_absF               ? 
_refine.pdbx_data_cutoff_low_absF                ? 
_refine.pdbx_data_cutoff_high_rms_absF           ? 
_refine.ls_d_res_low                             8.00 
_refine.ls_d_res_high                            1.86 
_refine.ls_percent_reflns_obs                    88.0 
_refine.ls_R_factor_obs                          0.23 
_refine.ls_R_factor_all                          0.236 
_refine.ls_R_factor_R_work                       ? 
_refine.ls_R_factor_R_free                       0.327 
_refine.ls_R_factor_R_free_error                 ? 
_refine.ls_R_factor_R_free_error_details         ? 
_refine.ls_percent_reflns_R_free                 10.129 
_refine.ls_number_reflns_R_free                  550 
_refine.ls_number_parameters                     2267 
_refine.ls_number_restraints                     2584 
_refine.occupancy_min                            ? 
_refine.occupancy_max                            ? 
_refine.correlation_coeff_Fo_to_Fc               ? 
_refine.correlation_coeff_Fo_to_Fc_free          ? 
_refine.B_iso_mean                               ? 
_refine.aniso_B[1][1]                            ? 
_refine.aniso_B[2][2]                            ? 
_refine.aniso_B[3][3]                            ? 
_refine.aniso_B[1][2]                            ? 
_refine.aniso_B[1][3]                            ? 
_refine.aniso_B[2][3]                            ? 
_refine.solvent_model_details                    'MOEWS & KRETSINGER, J.MOL.BIOL.91(1973)201-228' 
_refine.solvent_model_param_ksol                 ? 
_refine.solvent_model_param_bsol                 ? 
_refine.pdbx_solvent_vdw_probe_radii             ? 
_refine.pdbx_solvent_ion_probe_radii             ? 
_refine.pdbx_solvent_shrinkage_radii             ? 
_refine.pdbx_ls_cross_valid_method               THROUGHOUT 
_refine.details                                  ? 
_refine.pdbx_starting_model                      'DNA PART OF NDB ENTRY GDL009 OR PDB ENTRY 2DBE' 
_refine.pdbx_method_to_determine_struct          'MOLECULAR REPLACEMENT' 
_refine.pdbx_isotropic_thermal_model             ? 
_refine.pdbx_stereochemistry_target_values       'ENGH & HUBER' 
_refine.pdbx_stereochem_target_val_spec_case     ? 
_refine.pdbx_R_Free_selection_details            RANDOM 
_refine.pdbx_overall_ESU_R                       ? 
_refine.pdbx_overall_ESU_R_Free                  ? 
_refine.overall_SU_ML                            ? 
_refine.overall_SU_B                             ? 
_refine.ls_redundancy_reflns_obs                 ? 
_refine.overall_SU_R_Cruickshank_DPI             ? 
_refine.overall_SU_R_free                        ? 
_refine.ls_wR_factor_R_free                      ? 
_refine.ls_wR_factor_R_work                      ? 
_refine.overall_FOM_free_R_set                   ? 
_refine.overall_FOM_work_R_set                   ? 
_refine.pdbx_refine_id                           'X-RAY DIFFRACTION' 
_refine.pdbx_diffrn_id                           1 
_refine.pdbx_TLS_residual_ADP_flag               ? 
_refine.pdbx_overall_phase_error                 ? 
_refine.pdbx_overall_SU_R_free_Cruickshank_DPI   ? 
_refine.pdbx_overall_SU_R_Blow_DPI               ? 
_refine.pdbx_overall_SU_R_free_Blow_DPI          ? 
# 
_refine_analyze.entry_id                        2GYX 
_refine_analyze.Luzzati_coordinate_error_obs    ? 
_refine_analyze.Luzzati_sigma_a_obs             ? 
_refine_analyze.Luzzati_d_res_low_obs           ? 
_refine_analyze.Luzzati_coordinate_error_free   ? 
_refine_analyze.Luzzati_sigma_a_free            ? 
_refine_analyze.Luzzati_d_res_low_free          ? 
_refine_analyze.number_disordered_residues      0 
_refine_analyze.occupancy_sum_hydrogen          0.00 
_refine_analyze.occupancy_sum_non_hydrogen      566.00 
_refine_analyze.pdbx_refine_id                  'X-RAY DIFFRACTION' 
# 
_refine_hist.pdbx_refine_id                   'X-RAY DIFFRACTION' 
_refine_hist.cycle_id                         LAST 
_refine_hist.pdbx_number_atoms_protein        0 
_refine_hist.pdbx_number_atoms_nucleic_acid   486 
_refine_hist.pdbx_number_atoms_ligand         42 
_refine_hist.number_atoms_solvent             38 
_refine_hist.number_atoms_total               566 
_refine_hist.d_res_high                       1.86 
_refine_hist.d_res_low                        8.00 
# 
loop_
_refine_ls_restr.type 
_refine_ls_restr.dev_ideal 
_refine_ls_restr.dev_ideal_target 
_refine_ls_restr.weight 
_refine_ls_restr.number 
_refine_ls_restr.pdbx_refine_id 
_refine_ls_restr.pdbx_restraint_function 
s_bond_d               0.006 ? ? ? 'X-RAY DIFFRACTION' ? 
s_angle_d              0.025 ? ? ? 'X-RAY DIFFRACTION' ? 
s_similar_dist         0.000 ? ? ? 'X-RAY DIFFRACTION' ? 
s_from_restr_planes    0.012 ? ? ? 'X-RAY DIFFRACTION' ? 
s_zero_chiral_vol      0.000 ? ? ? 'X-RAY DIFFRACTION' ? 
s_non_zero_chiral_vol  0.005 ? ? ? 'X-RAY DIFFRACTION' ? 
s_anti_bump_dis_restr  0.013 ? ? ? 'X-RAY DIFFRACTION' ? 
s_rigid_bond_adp_cmpnt 0.000 ? ? ? 'X-RAY DIFFRACTION' ? 
s_similar_adp_cmpnt    0.071 ? ? ? 'X-RAY DIFFRACTION' ? 
s_approx_iso_adps      0.000 ? ? ? 'X-RAY DIFFRACTION' ? 
# 
_pdbx_refine.entry_id                                    2GYX 
_pdbx_refine.R_factor_all_no_cutoff                      0.236 
_pdbx_refine.R_factor_obs_no_cutoff                      0.23 
_pdbx_refine.free_R_factor_no_cutoff                     0.327 
_pdbx_refine.free_R_val_test_set_size_perc_no_cutoff     10.129 
_pdbx_refine.free_R_val_test_set_ct_no_cutoff            550 
_pdbx_refine.R_factor_all_4sig_cutoff                    0.225 
_pdbx_refine.R_factor_obs_4sig_cutoff                    0.219 
_pdbx_refine.free_R_factor_4sig_cutoff                   0.31 
_pdbx_refine.free_R_val_test_set_size_perc_4sig_cutoff   10.102 
_pdbx_refine.free_R_val_test_set_ct_4sig_cutoff          483 
_pdbx_refine.number_reflns_obs_4sig_cutoff               4781 
_pdbx_refine.pdbx_refine_id                              'X-RAY DIFFRACTION' 
_pdbx_refine.free_R_error_no_cutoff                      ? 
# 
_struct.entry_id                  2GYX 
_struct.title                     'Crystal structure of DB884- D(CGCGAATTCGCG)2 complex at 1.86 A resolution.' 
_struct.pdbx_model_details        ? 
_struct.pdbx_CASP_flag            ? 
_struct.pdbx_model_type_details   ? 
# 
_struct_keywords.entry_id        2GYX 
_struct_keywords.pdbx_keywords   DNA 
_struct_keywords.text            'B-TYPE DUPLEX DNA, DOUBLE HELIX, DODECAMER, COMPOUND DB 884., DNA' 
# 
loop_
_struct_asym.id 
_struct_asym.pdbx_blank_PDB_chainid_flag 
_struct_asym.pdbx_modified 
_struct_asym.entity_id 
_struct_asym.details 
A N N 1 ? 
B N N 1 ? 
C N N 2 ? 
D N N 3 ? 
E N N 4 ? 
F N N 4 ? 
# 
_struct_biol.id                    1 
_struct_biol.details               ? 
_struct_biol.pdbx_parent_biol_id   ? 
# 
loop_
_struct_conn.id 
_struct_conn.conn_type_id 
_struct_conn.pdbx_leaving_atom_flag 
_struct_conn.pdbx_PDB_id 
_struct_conn.ptnr1_label_asym_id 
_struct_conn.ptnr1_label_comp_id 
_struct_conn.ptnr1_label_seq_id 
_struct_conn.ptnr1_label_atom_id 
_struct_conn.pdbx_ptnr1_label_alt_id 
_struct_conn.pdbx_ptnr1_PDB_ins_code 
_struct_conn.pdbx_ptnr1_standard_comp_id 
_struct_conn.ptnr1_symmetry 
_struct_conn.ptnr2_label_asym_id 
_struct_conn.ptnr2_label_comp_id 
_struct_conn.ptnr2_label_seq_id 
_struct_conn.ptnr2_label_atom_id 
_struct_conn.pdbx_ptnr2_label_alt_id 
_struct_conn.pdbx_ptnr2_PDB_ins_code 
_struct_conn.ptnr1_auth_asym_id 
_struct_conn.ptnr1_auth_comp_id 
_struct_conn.ptnr1_auth_seq_id 
_struct_conn.ptnr2_auth_asym_id 
_struct_conn.ptnr2_auth_comp_id 
_struct_conn.ptnr2_auth_seq_id 
_struct_conn.ptnr2_symmetry 
_struct_conn.pdbx_ptnr3_label_atom_id 
_struct_conn.pdbx_ptnr3_label_seq_id 
_struct_conn.pdbx_ptnr3_label_comp_id 
_struct_conn.pdbx_ptnr3_label_asym_id 
_struct_conn.pdbx_ptnr3_label_alt_id 
_struct_conn.pdbx_ptnr3_PDB_ins_code 
_struct_conn.details 
_struct_conn.pdbx_dist_value 
_struct_conn.pdbx_value_order 
_struct_conn.pdbx_role 
metalc1  metalc ? ? C MG .  MG ? ? ? 1_555 E HOH .  O  ? ? A MG 26 A HOH 65 1_555 ? ? ? ? ? ? ?            2.124 ? ? 
metalc2  metalc ? ? C MG .  MG ? ? ? 1_555 E HOH .  O  ? ? A MG 26 A HOH 66 1_555 ? ? ? ? ? ? ?            2.125 ? ? 
metalc3  metalc ? ? C MG .  MG ? ? ? 1_555 E HOH .  O  ? ? A MG 26 A HOH 67 1_555 ? ? ? ? ? ? ?            2.124 ? ? 
metalc4  metalc ? ? C MG .  MG ? ? ? 1_555 F HOH .  O  ? ? A MG 26 B HOH 64 1_555 ? ? ? ? ? ? ?            2.130 ? ? 
metalc5  metalc ? ? C MG .  MG ? ? ? 1_555 F HOH .  O  ? ? A MG 26 B HOH 65 1_555 ? ? ? ? ? ? ?            2.122 ? ? 
metalc6  metalc ? ? C MG .  MG ? ? ? 1_555 F HOH .  O  ? ? A MG 26 B HOH 66 1_555 ? ? ? ? ? ? ?            2.122 ? ? 
hydrog1  hydrog ? ? A DC 1  N3 ? ? ? 1_555 B DG  12 N1 ? ? A DC 1  B DG  24 1_555 ? ? ? ? ? ? WATSON-CRICK ?     ? ? 
hydrog2  hydrog ? ? A DC 1  N4 ? ? ? 1_555 B DG  12 O6 ? ? A DC 1  B DG  24 1_555 ? ? ? ? ? ? WATSON-CRICK ?     ? ? 
hydrog3  hydrog ? ? A DC 1  O2 ? ? ? 1_555 B DG  12 N2 ? ? A DC 1  B DG  24 1_555 ? ? ? ? ? ? WATSON-CRICK ?     ? ? 
hydrog4  hydrog ? ? A DG 2  N1 ? ? ? 1_555 B DC  11 N3 ? ? A DG 2  B DC  23 1_555 ? ? ? ? ? ? WATSON-CRICK ?     ? ? 
hydrog5  hydrog ? ? A DG 2  N2 ? ? ? 1_555 B DC  11 O2 ? ? A DG 2  B DC  23 1_555 ? ? ? ? ? ? WATSON-CRICK ?     ? ? 
hydrog6  hydrog ? ? A DG 2  O6 ? ? ? 1_555 B DC  11 N4 ? ? A DG 2  B DC  23 1_555 ? ? ? ? ? ? WATSON-CRICK ?     ? ? 
hydrog7  hydrog ? ? A DC 3  N3 ? ? ? 1_555 B DG  10 N1 ? ? A DC 3  B DG  22 1_555 ? ? ? ? ? ? WATSON-CRICK ?     ? ? 
hydrog8  hydrog ? ? A DC 3  N4 ? ? ? 1_555 B DG  10 O6 ? ? A DC 3  B DG  22 1_555 ? ? ? ? ? ? WATSON-CRICK ?     ? ? 
hydrog9  hydrog ? ? A DC 3  O2 ? ? ? 1_555 B DG  10 N2 ? ? A DC 3  B DG  22 1_555 ? ? ? ? ? ? WATSON-CRICK ?     ? ? 
hydrog10 hydrog ? ? A DG 4  N1 ? ? ? 1_555 B DC  9  N3 ? ? A DG 4  B DC  21 1_555 ? ? ? ? ? ? WATSON-CRICK ?     ? ? 
hydrog11 hydrog ? ? A DG 4  N2 ? ? ? 1_555 B DC  9  O2 ? ? A DG 4  B DC  21 1_555 ? ? ? ? ? ? WATSON-CRICK ?     ? ? 
hydrog12 hydrog ? ? A DG 4  O6 ? ? ? 1_555 B DC  9  N4 ? ? A DG 4  B DC  21 1_555 ? ? ? ? ? ? WATSON-CRICK ?     ? ? 
hydrog13 hydrog ? ? A DA 5  N1 ? ? ? 1_555 B DT  8  N3 ? ? A DA 5  B DT  20 1_555 ? ? ? ? ? ? WATSON-CRICK ?     ? ? 
hydrog14 hydrog ? ? A DA 5  N6 ? ? ? 1_555 B DT  8  O4 ? ? A DA 5  B DT  20 1_555 ? ? ? ? ? ? WATSON-CRICK ?     ? ? 
hydrog15 hydrog ? ? A DA 6  N1 ? ? ? 1_555 B DT  7  N3 ? ? A DA 6  B DT  19 1_555 ? ? ? ? ? ? WATSON-CRICK ?     ? ? 
hydrog16 hydrog ? ? A DA 6  N6 ? ? ? 1_555 B DT  7  O4 ? ? A DA 6  B DT  19 1_555 ? ? ? ? ? ? WATSON-CRICK ?     ? ? 
hydrog17 hydrog ? ? A DT 7  N3 ? ? ? 1_555 B DA  6  N1 ? ? A DT 7  B DA  18 1_555 ? ? ? ? ? ? WATSON-CRICK ?     ? ? 
hydrog18 hydrog ? ? A DT 7  O4 ? ? ? 1_555 B DA  6  N6 ? ? A DT 7  B DA  18 1_555 ? ? ? ? ? ? WATSON-CRICK ?     ? ? 
hydrog19 hydrog ? ? A DT 8  N3 ? ? ? 1_555 B DA  5  N1 ? ? A DT 8  B DA  17 1_555 ? ? ? ? ? ? WATSON-CRICK ?     ? ? 
hydrog20 hydrog ? ? A DT 8  O4 ? ? ? 1_555 B DA  5  N6 ? ? A DT 8  B DA  17 1_555 ? ? ? ? ? ? WATSON-CRICK ?     ? ? 
hydrog21 hydrog ? ? A DC 9  N3 ? ? ? 1_555 B DG  4  N1 ? ? A DC 9  B DG  16 1_555 ? ? ? ? ? ? WATSON-CRICK ?     ? ? 
hydrog22 hydrog ? ? A DC 9  N4 ? ? ? 1_555 B DG  4  O6 ? ? A DC 9  B DG  16 1_555 ? ? ? ? ? ? WATSON-CRICK ?     ? ? 
hydrog23 hydrog ? ? A DC 9  O2 ? ? ? 1_555 B DG  4  N2 ? ? A DC 9  B DG  16 1_555 ? ? ? ? ? ? WATSON-CRICK ?     ? ? 
hydrog24 hydrog ? ? A DG 10 N1 ? ? ? 1_555 B DC  3  N3 ? ? A DG 10 B DC  15 1_555 ? ? ? ? ? ? WATSON-CRICK ?     ? ? 
hydrog25 hydrog ? ? A DG 10 N2 ? ? ? 1_555 B DC  3  O2 ? ? A DG 10 B DC  15 1_555 ? ? ? ? ? ? WATSON-CRICK ?     ? ? 
hydrog26 hydrog ? ? A DG 10 O6 ? ? ? 1_555 B DC  3  N4 ? ? A DG 10 B DC  15 1_555 ? ? ? ? ? ? WATSON-CRICK ?     ? ? 
hydrog27 hydrog ? ? A DC 11 N3 ? ? ? 1_555 B DG  2  N1 ? ? A DC 11 B DG  14 1_555 ? ? ? ? ? ? WATSON-CRICK ?     ? ? 
hydrog28 hydrog ? ? A DC 11 N4 ? ? ? 1_555 B DG  2  O6 ? ? A DC 11 B DG  14 1_555 ? ? ? ? ? ? WATSON-CRICK ?     ? ? 
hydrog29 hydrog ? ? A DC 11 O2 ? ? ? 1_555 B DG  2  N2 ? ? A DC 11 B DG  14 1_555 ? ? ? ? ? ? WATSON-CRICK ?     ? ? 
hydrog30 hydrog ? ? A DG 12 N1 ? ? ? 1_555 B DC  1  N3 ? ? A DG 12 B DC  13 1_555 ? ? ? ? ? ? WATSON-CRICK ?     ? ? 
hydrog31 hydrog ? ? A DG 12 N2 ? ? ? 1_555 B DC  1  O2 ? ? A DG 12 B DC  13 1_555 ? ? ? ? ? ? WATSON-CRICK ?     ? ? 
hydrog32 hydrog ? ? A DG 12 O6 ? ? ? 1_555 B DC  1  N4 ? ? A DG 12 B DC  13 1_555 ? ? ? ? ? ? WATSON-CRICK ?     ? ? 
# 
loop_
_struct_conn_type.id 
_struct_conn_type.criteria 
_struct_conn_type.reference 
metalc ? ? 
hydrog ? ? 
# 
loop_
_struct_site.id 
_struct_site.pdbx_evidence_code 
_struct_site.pdbx_auth_asym_id 
_struct_site.pdbx_auth_comp_id 
_struct_site.pdbx_auth_seq_id 
_struct_site.pdbx_auth_ins_code 
_struct_site.pdbx_num_residues 
_struct_site.details 
AC1 Software A MG  26 ? 6  'BINDING SITE FOR RESIDUE MG A 26'  
AC2 Software A RKA 25 ? 12 'BINDING SITE FOR RESIDUE RKA A 25' 
1   ?        ? ?   ?  ? ?  ?                                   
# 
loop_
_struct_site_gen.id 
_struct_site_gen.site_id 
_struct_site_gen.pdbx_num_res 
_struct_site_gen.label_comp_id 
_struct_site_gen.label_asym_id 
_struct_site_gen.label_seq_id 
_struct_site_gen.pdbx_auth_ins_code 
_struct_site_gen.auth_comp_id 
_struct_site_gen.auth_asym_id 
_struct_site_gen.auth_seq_id 
_struct_site_gen.label_atom_id 
_struct_site_gen.label_alt_id 
_struct_site_gen.symmetry 
_struct_site_gen.details 
1  AC1 6  HOH E .  ? HOH A 65 . ? 1_555 ? 
2  AC1 6  HOH E .  ? HOH A 66 . ? 1_555 ? 
3  AC1 6  HOH E .  ? HOH A 67 . ? 1_555 ? 
4  AC1 6  HOH F .  ? HOH B 64 . ? 1_555 ? 
5  AC1 6  HOH F .  ? HOH B 65 . ? 1_555 ? 
6  AC1 6  HOH F .  ? HOH B 66 . ? 1_555 ? 
7  AC2 12 DA  A 5  ? DA  A 5  . ? 1_555 ? 
8  AC2 12 DA  A 6  ? DA  A 6  . ? 1_555 ? 
9  AC2 12 DT  A 7  ? DT  A 7  . ? 1_555 ? 
10 AC2 12 DT  A 8  ? DT  A 8  . ? 1_555 ? 
11 AC2 12 DC  A 9  ? DC  A 9  . ? 1_555 ? 
12 AC2 12 DG  A 10 ? DG  A 10 . ? 1_555 ? 
13 AC2 12 HOH E .  ? HOH A 60 . ? 1_555 ? 
14 AC2 12 DA  B 6  ? DA  B 18 . ? 1_555 ? 
15 AC2 12 DT  B 7  ? DT  B 19 . ? 1_555 ? 
16 AC2 12 DT  B 8  ? DT  B 20 . ? 1_555 ? 
17 AC2 12 DC  B 9  ? DC  B 21 . ? 1_555 ? 
18 AC2 12 DG  B 10 ? DG  B 22 . ? 1_555 ? 
# 
_atom_sites.entry_id                    2GYX 
_atom_sites.fract_transf_matrix[1][1]   -0.02561975 
_atom_sites.fract_transf_matrix[1][2]   -0.02006032 
_atom_sites.fract_transf_matrix[1][3]   0.02497211 
_atom_sites.fract_transf_matrix[2][1]   0.01900424 
_atom_sites.fract_transf_matrix[2][2]   -0.00527783 
_atom_sites.fract_transf_matrix[2][3]   0.01525738 
_atom_sites.fract_transf_matrix[3][1]   -0.00259632 
_atom_sites.fract_transf_matrix[3][2]   0.01289399 
_atom_sites.fract_transf_matrix[3][3]   0.00769420 
_atom_sites.fract_transf_vector[1]      0.571614 
_atom_sites.fract_transf_vector[2]      0.528543 
_atom_sites.fract_transf_vector[3]      0.139140 
# 
loop_
_atom_type.symbol 
C  
MG 
N  
O  
P  
# 
loop_
_atom_site.group_PDB 
_atom_site.id 
_atom_site.type_symbol 
_atom_site.label_atom_id 
_atom_site.label_alt_id 
_atom_site.label_comp_id 
_atom_site.label_asym_id 
_atom_site.label_entity_id 
_atom_site.label_seq_id 
_atom_site.pdbx_PDB_ins_code 
_atom_site.Cartn_x 
_atom_site.Cartn_y 
_atom_site.Cartn_z 
_atom_site.occupancy 
_atom_site.B_iso_or_equiv 
_atom_site.pdbx_formal_charge 
_atom_site.auth_seq_id 
_atom_site.auth_comp_id 
_atom_site.auth_asym_id 
_atom_site.auth_atom_id 
_atom_site.pdbx_PDB_model_num 
ATOM   1   O  "O5'" . DC  A 1 1  ? 4.284   7.302   19.191  1.00 50.61 ? 1  DC  A "O5'" 1 
ATOM   2   C  "C5'" . DC  A 1 1  ? 3.805   7.969   18.015  1.00 46.19 ? 1  DC  A "C5'" 1 
ATOM   3   C  "C4'" . DC  A 1 1  ? 2.302   7.832   17.913  1.00 33.08 ? 1  DC  A "C4'" 1 
ATOM   4   O  "O4'" . DC  A 1 1  ? 1.751   8.933   17.148  1.00 27.14 ? 1  DC  A "O4'" 1 
ATOM   5   C  "C3'" . DC  A 1 1  ? 1.824   6.563   17.215  1.00 29.93 ? 1  DC  A "C3'" 1 
ATOM   6   O  "O3'" . DC  A 1 1  ? 0.719   6.024   17.930  1.00 33.64 ? 1  DC  A "O3'" 1 
ATOM   7   C  "C2'" . DC  A 1 1  ? 1.478   7.021   15.823  1.00 27.56 ? 1  DC  A "C2'" 1 
ATOM   8   C  "C1'" . DC  A 1 1  ? 1.010   8.446   16.036  1.00 21.68 ? 1  DC  A "C1'" 1 
ATOM   9   N  N1    . DC  A 1 1  ? 1.281   9.390   14.950  1.00 25.64 ? 1  DC  A N1    1 
ATOM   10  C  C2    . DC  A 1 1  ? 0.238   10.216  14.505  1.00 21.56 ? 1  DC  A C2    1 
ATOM   11  O  O2    . DC  A 1 1  ? -0.866  10.105  15.052  1.00 30.52 ? 1  DC  A O2    1 
ATOM   12  N  N3    . DC  A 1 1  ? 0.470   11.091  13.507  1.00 20.44 ? 1  DC  A N3    1 
ATOM   13  C  C4    . DC  A 1 1  ? 1.680   11.168  12.952  1.00 21.77 ? 1  DC  A C4    1 
ATOM   14  N  N4    . DC  A 1 1  ? 1.898   12.040  11.961  1.00 21.08 ? 1  DC  A N4    1 
ATOM   15  C  C5    . DC  A 1 1  ? 2.758   10.339  13.386  1.00 21.45 ? 1  DC  A C5    1 
ATOM   16  C  C6    . DC  A 1 1  ? 2.514   9.479   14.375  1.00 18.84 ? 1  DC  A C6    1 
ATOM   17  P  P     . DG  A 1 2  ? 0.029   4.610   17.663  1.00 38.56 ? 2  DG  A P     1 
ATOM   18  O  OP1   . DG  A 1 2  ? -0.687  4.213   18.903  1.00 38.80 ? 2  DG  A OP1   1 
ATOM   19  O  OP2   . DG  A 1 2  ? 1.022   3.701   17.049  1.00 33.64 ? 2  DG  A OP2   1 
ATOM   20  O  "O5'" . DG  A 1 2  ? -1.086  4.925   16.563  1.00 31.96 ? 2  DG  A "O5'" 1 
ATOM   21  C  "C5'" . DG  A 1 2  ? -2.364  5.411   17.024  1.00 25.30 ? 2  DG  A "C5'" 1 
ATOM   22  C  "C4'" . DG  A 1 2  ? -3.283  5.486   15.830  1.00 21.16 ? 2  DG  A "C4'" 1 
ATOM   23  O  "O4'" . DG  A 1 2  ? -2.789  6.480   14.910  1.00 25.24 ? 2  DG  A "O4'" 1 
ATOM   24  C  "C3'" . DG  A 1 2  ? -3.387  4.184   15.050  1.00 21.76 ? 2  DG  A "C3'" 1 
ATOM   25  O  "O3'" . DG  A 1 2  ? -4.759  3.882   14.826  1.00 31.71 ? 2  DG  A "O3'" 1 
ATOM   26  C  "C2'" . DG  A 1 2  ? -2.636  4.428   13.770  1.00 20.74 ? 2  DG  A "C2'" 1 
ATOM   27  C  "C1'" . DG  A 1 2  ? -2.805  5.929   13.595  1.00 29.59 ? 2  DG  A "C1'" 1 
ATOM   28  N  N9    . DG  A 1 2  ? -1.740  6.616   12.852  1.00 26.67 ? 2  DG  A N9    1 
ATOM   29  C  C8    . DG  A 1 2  ? -0.395  6.360   12.815  1.00 20.14 ? 2  DG  A C8    1 
ATOM   30  N  N7    . DG  A 1 2  ? 0.261   7.178   12.039  1.00 20.24 ? 2  DG  A N7    1 
ATOM   31  C  C5    . DG  A 1 2  ? -0.708  8.032   11.525  1.00 22.80 ? 2  DG  A C5    1 
ATOM   32  C  C6    . DG  A 1 2  ? -0.620  9.124   10.631  1.00 13.02 ? 2  DG  A C6    1 
ATOM   33  O  O6    . DG  A 1 2  ? 0.355   9.631   10.047  1.00 19.79 ? 2  DG  A O6    1 
ATOM   34  N  N1    . DG  A 1 2  ? -1.878  9.684   10.407  1.00 21.32 ? 2  DG  A N1    1 
ATOM   35  C  C2    . DG  A 1 2  ? -3.063  9.274   10.951  1.00 28.63 ? 2  DG  A C2    1 
ATOM   36  N  N2    . DG  A 1 2  ? -4.166  9.954   10.603  1.00 25.03 ? 2  DG  A N2    1 
ATOM   37  N  N3    . DG  A 1 2  ? -3.158  8.255   11.789  1.00 30.62 ? 2  DG  A N3    1 
ATOM   38  C  C4    . DG  A 1 2  ? -1.949  7.697   12.020  1.00 28.73 ? 2  DG  A C4    1 
ATOM   39  P  P     . DC  A 1 3  ? -5.273  2.447   14.333  1.00 30.42 ? 3  DC  A P     1 
ATOM   40  O  OP1   . DC  A 1 3  ? -6.347  2.022   15.254  1.00 27.95 ? 3  DC  A OP1   1 
ATOM   41  O  OP2   . DC  A 1 3  ? -4.100  1.598   14.046  1.00 41.60 ? 3  DC  A OP2   1 
ATOM   42  O  "O5'" . DC  A 1 3  ? -5.949  2.844   12.933  1.00 29.09 ? 3  DC  A "O5'" 1 
ATOM   43  C  "C5'" . DC  A 1 3  ? -7.012  3.809   12.988  1.00 28.76 ? 3  DC  A "C5'" 1 
ATOM   44  C  "C4'" . DC  A 1 3  ? -7.110  4.535   11.672  1.00 26.13 ? 3  DC  A "C4'" 1 
ATOM   45  O  "O4'" . DC  A 1 3  ? -5.925  5.321   11.445  1.00 24.81 ? 3  DC  A "O4'" 1 
ATOM   46  C  "C3'" . DC  A 1 3  ? -7.194  3.637   10.450  1.00 28.84 ? 3  DC  A "C3'" 1 
ATOM   47  O  "O3'" . DC  A 1 3  ? -8.555  3.349   10.138  1.00 36.26 ? 3  DC  A "O3'" 1 
ATOM   48  C  "C2'" . DC  A 1 3  ? -6.529  4.416   9.353   1.00 31.67 ? 3  DC  A "C2'" 1 
ATOM   49  C  "C1'" . DC  A 1 3  ? -5.715  5.487   10.051  1.00 26.53 ? 3  DC  A "C1'" 1 
ATOM   50  N  N1    . DC  A 1 3  ? -4.268  5.384   9.844   1.00 27.28 ? 3  DC  A N1    1 
ATOM   51  C  C2    . DC  A 1 3  ? -3.632  6.338   9.047   1.00 24.64 ? 3  DC  A C2    1 
ATOM   52  O  O2    . DC  A 1 3  ? -4.325  7.242   8.542   1.00 31.48 ? 3  DC  A O2    1 
ATOM   53  N  N3    . DC  A 1 3  ? -2.294  6.256   8.846   1.00 21.37 ? 3  DC  A N3    1 
ATOM   54  C  C4    . DC  A 1 3  ? -1.613  5.258   9.417   1.00 25.93 ? 3  DC  A C4    1 
ATOM   55  N  N4    . DC  A 1 3  ? -0.292  5.189   9.212   1.00 26.47 ? 3  DC  A N4    1 
ATOM   56  C  C5    . DC  A 1 3  ? -2.243  4.276   10.232  1.00 30.50 ? 3  DC  A C5    1 
ATOM   57  C  C6    . DC  A 1 3  ? -3.566  4.364   10.426  1.00 29.51 ? 3  DC  A C6    1 
ATOM   58  P  P     . DG  A 1 4  ? -8.880  2.288   8.970   1.00 31.21 ? 4  DG  A P     1 
ATOM   59  O  OP1   . DG  A 1 4  ? -10.147 1.613   9.354   1.00 42.05 ? 4  DG  A OP1   1 
ATOM   60  O  OP2   . DG  A 1 4  ? -7.657  1.486   8.727   1.00 39.72 ? 4  DG  A OP2   1 
ATOM   61  O  "O5'" . DG  A 1 4  ? -9.138  3.189   7.698   1.00 30.92 ? 4  DG  A "O5'" 1 
ATOM   62  C  "C5'" . DG  A 1 4  ? -9.709  4.502   7.791   1.00 27.68 ? 4  DG  A "C5'" 1 
ATOM   63  C  "C4'" . DG  A 1 4  ? -9.552  5.162   6.445   1.00 22.47 ? 4  DG  A "C4'" 1 
ATOM   64  O  "O4'" . DG  A 1 4  ? -8.174  5.557   6.279   1.00 29.79 ? 4  DG  A "O4'" 1 
ATOM   65  C  "C3'" . DG  A 1 4  ? -9.886  4.270   5.259   1.00 32.19 ? 4  DG  A "C3'" 1 
ATOM   66  O  "O3'" . DG  A 1 4  ? -10.541 5.018   4.242   1.00 46.06 ? 4  DG  A "O3'" 1 
ATOM   67  C  "C2'" . DG  A 1 4  ? -8.550  3.744   4.809   1.00 34.21 ? 4  DG  A "C2'" 1 
ATOM   68  C  "C1'" . DG  A 1 4  ? -7.601  4.872   5.179   1.00 30.75 ? 4  DG  A "C1'" 1 
ATOM   69  N  N9    . DG  A 1 4  ? -6.271  4.396   5.589   1.00 24.14 ? 4  DG  A N9    1 
ATOM   70  C  C8    . DG  A 1 4  ? -5.952  3.273   6.317   1.00 24.45 ? 4  DG  A C8    1 
ATOM   71  N  N7    . DG  A 1 4  ? -4.667  3.135   6.511   1.00 25.08 ? 4  DG  A N7    1 
ATOM   72  C  C5    . DG  A 1 4  ? -4.105  4.236   5.873   1.00 26.69 ? 4  DG  A C5    1 
ATOM   73  C  C6    . DG  A 1 4  ? -2.753  4.640   5.735   1.00 24.87 ? 4  DG  A C6    1 
ATOM   74  O  O6    . DG  A 1 4  ? -1.736  4.078   6.172   1.00 36.31 ? 4  DG  A O6    1 
ATOM   75  N  N1    . DG  A 1 4  ? -2.645  5.820   5.009   1.00 21.26 ? 4  DG  A N1    1 
ATOM   76  C  C2    . DG  A 1 4  ? -3.702  6.523   4.481   1.00 20.61 ? 4  DG  A C2    1 
ATOM   77  N  N2    . DG  A 1 4  ? -3.437  7.639   3.807   1.00 18.74 ? 4  DG  A N2    1 
ATOM   78  N  N3    . DG  A 1 4  ? -4.964  6.162   4.599   1.00 22.35 ? 4  DG  A N3    1 
ATOM   79  C  C4    . DG  A 1 4  ? -5.083  5.019   5.301   1.00 22.77 ? 4  DG  A C4    1 
ATOM   80  P  P     . DA  A 1 5  ? -11.101 4.419   2.859   1.00 40.38 ? 5  DA  A P     1 
ATOM   81  O  OP1   . DA  A 1 5  ? -12.338 5.178   2.532   1.00 39.74 ? 5  DA  A OP1   1 
ATOM   82  O  OP2   . DA  A 1 5  ? -11.105 2.949   2.938   1.00 31.81 ? 5  DA  A OP2   1 
ATOM   83  O  "O5'" . DA  A 1 5  ? -9.967  4.887   1.823   1.00 33.55 ? 5  DA  A "O5'" 1 
ATOM   84  C  "C5'" . DA  A 1 5  ? -9.726  6.289   1.674   1.00 31.26 ? 5  DA  A "C5'" 1 
ATOM   85  C  "C4'" . DA  A 1 5  ? -8.451  6.574   0.922   1.00 34.88 ? 5  DA  A "C4'" 1 
ATOM   86  O  "O4'" . DA  A 1 5  ? -7.309  5.992   1.600   1.00 26.90 ? 5  DA  A "O4'" 1 
ATOM   87  C  "C3'" . DA  A 1 5  ? -8.417  6.010   -0.497  1.00 45.62 ? 5  DA  A "C3'" 1 
ATOM   88  O  "O3'" . DA  A 1 5  ? -8.062  7.050   -1.413  1.00 46.56 ? 5  DA  A "O3'" 1 
ATOM   89  C  "C2'" . DA  A 1 5  ? -7.411  4.891   -0.449  1.00 40.48 ? 5  DA  A "C2'" 1 
ATOM   90  C  "C1'" . DA  A 1 5  ? -6.468  5.334   0.646   1.00 31.03 ? 5  DA  A "C1'" 1 
ATOM   91  N  N9    . DA  A 1 5  ? -5.784  4.315   1.441   1.00 30.56 ? 5  DA  A N9    1 
ATOM   92  C  C8    . DA  A 1 5  ? -6.343  3.228   2.059   1.00 31.37 ? 5  DA  A C8    1 
ATOM   93  N  N7    . DA  A 1 5  ? -5.483  2.482   2.708   1.00 38.00 ? 5  DA  A N7    1 
ATOM   94  C  C5    . DA  A 1 5  ? -4.270  3.125   2.502   1.00 36.15 ? 5  DA  A C5    1 
ATOM   95  C  C6    . DA  A 1 5  ? -2.965  2.823   2.936   1.00 24.60 ? 5  DA  A C6    1 
ATOM   96  N  N6    . DA  A 1 5  ? -2.655  1.766   3.690   1.00 19.54 ? 5  DA  A N6    1 
ATOM   97  N  N1    . DA  A 1 5  ? -1.991  3.668   2.552   1.00 31.59 ? 5  DA  A N1    1 
ATOM   98  C  C2    . DA  A 1 5  ? -2.305  4.729   1.795   1.00 34.68 ? 5  DA  A C2    1 
ATOM   99  N  N3    . DA  A 1 5  ? -3.489  5.116   1.325   1.00 34.30 ? 5  DA  A N3    1 
ATOM   100 C  C4    . DA  A 1 5  ? -4.441  4.256   1.722   1.00 33.94 ? 5  DA  A C4    1 
ATOM   101 P  P     . DA  A 1 6  ? -8.047  6.755   -2.992  1.00 39.59 ? 6  DA  A P     1 
ATOM   102 O  OP1   . DA  A 1 6  ? -8.488  7.991   -3.693  1.00 46.74 ? 6  DA  A OP1   1 
ATOM   103 O  OP2   . DA  A 1 6  ? -8.745  5.468   -3.205  1.00 31.09 ? 6  DA  A OP2   1 
ATOM   104 O  "O5'" . DA  A 1 6  ? -6.501  6.553   -3.316  1.00 26.45 ? 6  DA  A "O5'" 1 
ATOM   105 C  "C5'" . DA  A 1 6  ? -5.556  7.604   -3.086  1.00 20.59 ? 6  DA  A "C5'" 1 
ATOM   106 C  "C4'" . DA  A 1 6  ? -4.168  7.086   -3.373  1.00 27.34 ? 6  DA  A "C4'" 1 
ATOM   107 O  "O4'" . DA  A 1 6  ? -3.793  6.111   -2.375  1.00 25.59 ? 6  DA  A "O4'" 1 
ATOM   108 C  "C3'" . DA  A 1 6  ? -4.048  6.414   -4.739  1.00 18.21 ? 6  DA  A "C3'" 1 
ATOM   109 O  "O3'" . DA  A 1 6  ? -3.039  7.082   -5.492  1.00 25.37 ? 6  DA  A "O3'" 1 
ATOM   110 C  "C2'" . DA  A 1 6  ? -3.718  4.978   -4.438  1.00 20.12 ? 6  DA  A "C2'" 1 
ATOM   111 C  "C1'" . DA  A 1 6  ? -3.172  5.003   -3.022  1.00 21.83 ? 6  DA  A "C1'" 1 
ATOM   112 N  N9    . DA  A 1 6  ? -3.483  3.845   -2.170  1.00 20.09 ? 6  DA  A N9    1 
ATOM   113 C  C8    . DA  A 1 6  ? -4.690  3.256   -1.908  1.00 20.45 ? 6  DA  A C8    1 
ATOM   114 N  N7    . DA  A 1 6  ? -4.600  2.231   -1.095  1.00 25.00 ? 6  DA  A N7    1 
ATOM   115 C  C5    . DA  A 1 6  ? -3.248  2.136   -0.800  1.00 28.63 ? 6  DA  A C5    1 
ATOM   116 C  C6    . DA  A 1 6  ? -2.497  1.257   0.008   1.00 27.91 ? 6  DA  A C6    1 
ATOM   117 N  N6    . DA  A 1 6  ? -3.030  0.251   0.706   1.00 16.97 ? 6  DA  A N6    1 
ATOM   118 N  N1    . DA  A 1 6  ? -1.161  1.454   0.073   1.00 22.22 ? 6  DA  A N1    1 
ATOM   119 C  C2    . DA  A 1 6  ? -0.612  2.456   -0.619  1.00 19.36 ? 6  DA  A C2    1 
ATOM   120 N  N3    . DA  A 1 6  ? -1.215  3.341   -1.407  1.00 21.10 ? 6  DA  A N3    1 
ATOM   121 C  C4    . DA  A 1 6  ? -2.543  3.124   -1.455  1.00 25.81 ? 6  DA  A C4    1 
ATOM   122 P  P     . DT  A 1 7  ? -2.552  6.653   -6.942  1.00 25.83 ? 7  DT  A P     1 
ATOM   123 O  OP1   . DT  A 1 7  ? -2.135  7.870   -7.683  1.00 21.41 ? 7  DT  A OP1   1 
ATOM   124 O  OP2   . DT  A 1 7  ? -3.598  5.762   -7.527  1.00 21.95 ? 7  DT  A OP2   1 
ATOM   125 O  "O5'" . DT  A 1 7  ? -1.237  5.777   -6.726  1.00 24.15 ? 7  DT  A "O5'" 1 
ATOM   126 C  "C5'" . DT  A 1 7  ? -0.302  6.118   -5.700  1.00 25.77 ? 7  DT  A "C5'" 1 
ATOM   127 C  "C4'" . DT  A 1 7  ? 0.592   4.932   -5.403  1.00 23.36 ? 7  DT  A "C4'" 1 
ATOM   128 O  "O4'" . DT  A 1 7  ? -0.053  3.957   -4.563  1.00 23.43 ? 7  DT  A "O4'" 1 
ATOM   129 C  "C3'" . DT  A 1 7  ? 1.013   4.152   -6.654  1.00 20.39 ? 7  DT  A "C3'" 1 
ATOM   130 O  "O3'" . DT  A 1 7  ? 2.371   4.498   -6.912  1.00 29.00 ? 7  DT  A "O3'" 1 
ATOM   131 C  "C2'" . DT  A 1 7  ? 0.791   2.703   -6.340  1.00 23.66 ? 7  DT  A "C2'" 1 
ATOM   132 C  "C1'" . DT  A 1 7  ? 0.527   2.680   -4.849  1.00 23.42 ? 7  DT  A "C1'" 1 
ATOM   133 N  N1    . DT  A 1 7  ? -0.456  1.732   -4.323  1.00 25.52 ? 7  DT  A N1    1 
ATOM   134 C  C2    . DT  A 1 7  ? -0.015  0.800   -3.406  1.00 26.63 ? 7  DT  A C2    1 
ATOM   135 O  O2    . DT  A 1 7  ? 1.149   0.753   -3.039  1.00 33.97 ? 7  DT  A O2    1 
ATOM   136 N  N3    . DT  A 1 7  ? -0.982  -0.055  -2.950  1.00 21.23 ? 7  DT  A N3    1 
ATOM   137 C  C4    . DT  A 1 7  ? -2.312  -0.077  -3.305  1.00 15.95 ? 7  DT  A C4    1 
ATOM   138 O  O4    . DT  A 1 7  ? -3.093  -0.891  -2.832  1.00 26.01 ? 7  DT  A O4    1 
ATOM   139 C  C5    . DT  A 1 7  ? -2.709  0.929   -4.270  1.00 21.47 ? 7  DT  A C5    1 
ATOM   140 C  C7    . DT  A 1 7  ? -4.151  0.931   -4.675  1.00 17.46 ? 7  DT  A C7    1 
ATOM   141 C  C6    . DT  A 1 7  ? -1.777  1.768   -4.719  1.00 23.96 ? 7  DT  A C6    1 
ATOM   142 P  P     . DT  A 1 8  ? 3.209   3.906   -8.135  1.00 34.01 ? 8  DT  A P     1 
ATOM   143 O  OP1   . DT  A 1 8  ? 4.368   4.821   -8.314  1.00 32.10 ? 8  DT  A OP1   1 
ATOM   144 O  OP2   . DT  A 1 8  ? 2.264   3.614   -9.246  1.00 30.56 ? 8  DT  A OP2   1 
ATOM   145 O  "O5'" . DT  A 1 8  ? 3.752   2.509   -7.583  1.00 33.25 ? 8  DT  A "O5'" 1 
ATOM   146 C  "C5'" . DT  A 1 8  ? 4.895   2.467   -6.725  1.00 26.35 ? 8  DT  A "C5'" 1 
ATOM   147 C  "C4'" . DT  A 1 8  ? 5.097   1.085   -6.163  1.00 26.40 ? 8  DT  A "C4'" 1 
ATOM   148 O  "O4'" . DT  A 1 8  ? 3.856   0.577   -5.628  1.00 26.90 ? 8  DT  A "O4'" 1 
ATOM   149 C  "C3'" . DT  A 1 8  ? 5.548   0.054   -7.190  1.00 31.88 ? 8  DT  A "C3'" 1 
ATOM   150 O  "O3'" . DT  A 1 8  ? 6.901   -0.319  -6.921  1.00 40.09 ? 8  DT  A "O3'" 1 
ATOM   151 C  "C2'" . DT  A 1 8  ? 4.619   -1.117  -7.056  1.00 22.86 ? 8  DT  A "C2'" 1 
ATOM   152 C  "C1'" . DT  A 1 8  ? 3.861   -0.843  -5.770  1.00 24.10 ? 8  DT  A "C1'" 1 
ATOM   153 N  N1    . DT  A 1 8  ? 2.450   -1.245  -5.735  1.00 18.94 ? 8  DT  A N1    1 
ATOM   154 C  C2    . DT  A 1 8  ? 2.056   -2.146  -4.781  1.00 18.76 ? 8  DT  A C2    1 
ATOM   155 O  O2    . DT  A 1 8  ? 2.824   -2.627  -3.959  1.00 33.96 ? 8  DT  A O2    1 
ATOM   156 N  N3    . DT  A 1 8  ? 0.726   -2.477  -4.805  1.00 22.46 ? 8  DT  A N3    1 
ATOM   157 C  C4    . DT  A 1 8  ? -0.230  -1.998  -5.683  1.00 23.79 ? 8  DT  A C4    1 
ATOM   158 O  O4    . DT  A 1 8  ? -1.392  -2.386  -5.587  1.00 26.64 ? 8  DT  A O4    1 
ATOM   159 C  C5    . DT  A 1 8  ? 0.253   -1.056  -6.663  1.00 22.19 ? 8  DT  A C5    1 
ATOM   160 C  C7    . DT  A 1 8  ? -0.723  -0.492  -7.648  1.00 29.53 ? 8  DT  A C7    1 
ATOM   161 C  C6    . DT  A 1 8  ? 1.552   -0.724  -6.648  1.00 24.08 ? 8  DT  A C6    1 
ATOM   162 P  P     . DC  A 1 9  ? 7.676   -1.302  -7.927  1.00 38.83 ? 9  DC  A P     1 
ATOM   163 O  OP1   . DC  A 1 9  ? 8.983   -0.679  -8.228  1.00 38.00 ? 9  DC  A OP1   1 
ATOM   164 O  OP2   . DC  A 1 9  ? 6.749   -1.681  -9.023  1.00 32.63 ? 9  DC  A OP2   1 
ATOM   165 O  "O5'" . DC  A 1 9  ? 7.923   -2.604  -7.033  1.00 48.94 ? 9  DC  A "O5'" 1 
ATOM   166 C  "C5'" . DC  A 1 9  ? 7.468   -2.654  -5.676  1.00 36.15 ? 9  DC  A "C5'" 1 
ATOM   167 C  "C4'" . DC  A 1 9  ? 7.329   -4.078  -5.195  1.00 42.41 ? 9  DC  A "C4'" 1 
ATOM   168 O  "O4'" . DC  A 1 9  ? 5.923   -4.397  -5.064  1.00 43.06 ? 9  DC  A "O4'" 1 
ATOM   169 C  "C3'" . DC  A 1 9  ? 7.909   -5.153  -6.110  1.00 41.52 ? 9  DC  A "C3'" 1 
ATOM   170 O  "O3'" . DC  A 1 9  ? 8.666   -6.073  -5.329  1.00 50.85 ? 9  DC  A "O3'" 1 
ATOM   171 C  "C2'" . DC  A 1 9  ? 6.724   -5.793  -6.777  1.00 39.05 ? 9  DC  A "C2'" 1 
ATOM   172 C  "C1'" . DC  A 1 9  ? 5.601   -5.584  -5.779  1.00 38.01 ? 9  DC  A "C1'" 1 
ATOM   173 N  N1    . DC  A 1 9  ? 4.262   -5.347  -6.342  1.00 33.75 ? 9  DC  A N1    1 
ATOM   174 C  C2    . DC  A 1 9  ? 3.164   -5.939  -5.720  1.00 38.42 ? 9  DC  A C2    1 
ATOM   175 O  O2    . DC  A 1 9  ? 3.332   -6.648  -4.713  1.00 35.00 ? 9  DC  A O2    1 
ATOM   176 N  N3    . DC  A 1 9  ? 1.926   -5.724  -6.231  1.00 37.82 ? 9  DC  A N3    1 
ATOM   177 C  C4    . DC  A 1 9  ? 1.764   -4.960  -7.315  1.00 32.56 ? 9  DC  A C4    1 
ATOM   178 N  N4    . DC  A 1 9  ? 0.520   -4.790  -7.767  1.00 29.40 ? 9  DC  A N4    1 
ATOM   179 C  C5    . DC  A 1 9  ? 2.867   -4.344  -7.968  1.00 29.96 ? 9  DC  A C5    1 
ATOM   180 C  C6    . DC  A 1 9  ? 4.080   -4.565  -7.446  1.00 32.09 ? 9  DC  A C6    1 
ATOM   181 P  P     . DG  A 1 10 ? 9.781   -7.056  -5.926  1.00 46.59 ? 10 DG  A P     1 
ATOM   182 O  OP1   . DG  A 1 10 ? 10.864  -7.165  -4.912  1.00 49.59 ? 10 DG  A OP1   1 
ATOM   183 O  OP2   . DG  A 1 10 ? 10.101  -6.649  -7.309  1.00 38.95 ? 10 DG  A OP2   1 
ATOM   184 O  "O5'" . DG  A 1 10 ? 9.029   -8.467  -5.983  1.00 47.35 ? 10 DG  A "O5'" 1 
ATOM   185 C  "C5'" . DG  A 1 10 ? 8.373   -8.984  -4.814  1.00 44.48 ? 10 DG  A "C5'" 1 
ATOM   186 C  "C4'" . DG  A 1 10 ? 7.438   -10.098 -5.221  1.00 45.41 ? 10 DG  A "C4'" 1 
ATOM   187 O  "O4'" . DG  A 1 10 ? 6.205   -9.526  -5.744  1.00 30.02 ? 10 DG  A "O4'" 1 
ATOM   188 C  "C3'" . DG  A 1 10 ? 7.953   -11.010 -6.314  1.00 46.53 ? 10 DG  A "C3'" 1 
ATOM   189 O  "O3'" . DG  A 1 10 ? 7.480   -12.347 -6.185  1.00 43.94 ? 10 DG  A "O3'" 1 
ATOM   190 C  "C2'" . DG  A 1 10 ? 7.405   -10.362 -7.563  1.00 44.43 ? 10 DG  A "C2'" 1 
ATOM   191 C  "C1'" . DG  A 1 10 ? 5.993   -10.089 -7.034  1.00 31.17 ? 10 DG  A "C1'" 1 
ATOM   192 N  N9    . DG  A 1 10 ? 5.211   -9.177  -7.869  1.00 30.81 ? 10 DG  A N9    1 
ATOM   193 C  C8    . DG  A 1 10 ? 5.621   -8.244  -8.782  1.00 27.29 ? 10 DG  A C8    1 
ATOM   194 N  N7    . DG  A 1 10 ? 4.629   -7.606  -9.343  1.00 31.72 ? 10 DG  A N7    1 
ATOM   195 C  C5    . DG  A 1 10 ? 3.492   -8.150  -8.766  1.00 27.72 ? 10 DG  A C5    1 
ATOM   196 C  C6    . DG  A 1 10 ? 2.113   -7.866  -8.968  1.00 26.26 ? 10 DG  A C6    1 
ATOM   197 O  O6    . DG  A 1 10 ? 1.607   -7.037  -9.736  1.00 25.68 ? 10 DG  A O6    1 
ATOM   198 N  N1    . DG  A 1 10 ? 1.317   -8.664  -8.164  1.00 24.10 ? 10 DG  A N1    1 
ATOM   199 C  C2    . DG  A 1 10 ? 1.762   -9.612  -7.280  1.00 27.71 ? 10 DG  A C2    1 
ATOM   200 N  N2    . DG  A 1 10 ? 0.838   -10.284 -6.590  1.00 18.97 ? 10 DG  A N2    1 
ATOM   201 N  N3    . DG  A 1 10 ? 3.038   -9.891  -7.075  1.00 30.49 ? 10 DG  A N3    1 
ATOM   202 C  C4    . DG  A 1 10 ? 3.829   -9.118  -7.855  1.00 33.40 ? 10 DG  A C4    1 
ATOM   203 P  P     . DC  A 1 11 ? 8.317   -13.375 -5.259  1.00 46.74 ? 11 DC  A P     1 
ATOM   204 O  OP1   . DC  A 1 11 ? 8.727   -12.642 -4.030  1.00 41.63 ? 11 DC  A OP1   1 
ATOM   205 O  OP2   . DC  A 1 11 ? 9.328   -14.006 -6.127  1.00 36.85 ? 11 DC  A OP2   1 
ATOM   206 O  "O5'" . DC  A 1 11 ? 7.221   -14.448 -4.812  1.00 44.83 ? 11 DC  A "O5'" 1 
ATOM   207 C  "C5'" . DC  A 1 11 ? 6.570   -14.197 -3.557  1.00 45.41 ? 11 DC  A "C5'" 1 
ATOM   208 C  "C4'" . DC  A 1 11 ? 5.091   -14.466 -3.623  1.00 35.96 ? 11 DC  A "C4'" 1 
ATOM   209 O  "O4'" . DC  A 1 11 ? 4.440   -13.671 -4.645  1.00 38.14 ? 11 DC  A "O4'" 1 
ATOM   210 C  "C3'" . DC  A 1 11 ? 4.736   -15.908 -3.982  1.00 24.17 ? 11 DC  A "C3'" 1 
ATOM   211 O  "O3'" . DC  A 1 11 ? 3.640   -16.322 -3.175  1.00 34.14 ? 11 DC  A "O3'" 1 
ATOM   212 C  "C2'" . DC  A 1 11 ? 4.417   -15.864 -5.452  1.00 31.08 ? 11 DC  A "C2'" 1 
ATOM   213 C  "C1'" . DC  A 1 11 ? 3.726   -14.516 -5.560  1.00 38.57 ? 11 DC  A "C1'" 1 
ATOM   214 N  N1    . DC  A 1 11 ? 3.773   -13.808 -6.843  1.00 28.44 ? 11 DC  A N1    1 
ATOM   215 C  C2    . DC  A 1 11 ? 2.569   -13.378 -7.405  1.00 29.04 ? 11 DC  A C2    1 
ATOM   216 O  O2    . DC  A 1 11 ? 1.516   -13.618 -6.796  1.00 40.68 ? 11 DC  A O2    1 
ATOM   217 N  N3    . DC  A 1 11 ? 2.587   -12.723 -8.583  1.00 32.08 ? 11 DC  A N3    1 
ATOM   218 C  C4    . DC  A 1 11 ? 3.740   -12.483 -9.205  1.00 35.31 ? 11 DC  A C4    1 
ATOM   219 N  N4    . DC  A 1 11 ? 3.690   -11.831 -10.365 1.00 32.28 ? 11 DC  A N4    1 
ATOM   220 C  C5    . DC  A 1 11 ? 4.981   -12.908 -8.652  1.00 35.05 ? 11 DC  A C5    1 
ATOM   221 C  C6    . DC  A 1 11 ? 4.950   -13.558 -7.483  1.00 27.02 ? 11 DC  A C6    1 
ATOM   222 P  P     . DG  A 1 12 ? 3.385   -17.839 -2.753  1.00 41.05 ? 12 DG  A P     1 
ATOM   223 O  OP1   . DG  A 1 12 ? 2.530   -17.834 -1.539  1.00 50.01 ? 12 DG  A OP1   1 
ATOM   224 O  OP2   . DG  A 1 12 ? 4.692   -18.548 -2.759  1.00 57.70 ? 12 DG  A OP2   1 
ATOM   225 O  "O5'" . DG  A 1 12 ? 2.522   -18.414 -3.969  1.00 43.16 ? 12 DG  A "O5'" 1 
ATOM   226 C  "C5'" . DG  A 1 12 ? 1.147   -18.044 -4.137  1.00 36.58 ? 12 DG  A "C5'" 1 
ATOM   227 C  "C4'" . DG  A 1 12 ? 0.703   -18.416 -5.532  1.00 28.62 ? 12 DG  A "C4'" 1 
ATOM   228 O  "O4'" . DG  A 1 12 ? 1.176   -17.450 -6.488  1.00 23.38 ? 12 DG  A "O4'" 1 
ATOM   229 C  "C3'" . DG  A 1 12 ? 1.244   -19.751 -6.026  1.00 26.92 ? 12 DG  A "C3'" 1 
ATOM   230 O  "O3'" . DG  A 1 12 ? 0.278   -20.786 -5.813  1.00 26.61 ? 12 DG  A "O3'" 1 
ATOM   231 C  "C2'" . DG  A 1 12 ? 1.537   -19.551 -7.489  1.00 30.65 ? 12 DG  A "C2'" 1 
ATOM   232 C  "C1'" . DG  A 1 12 ? 1.169   -18.110 -7.758  1.00 31.61 ? 12 DG  A "C1'" 1 
ATOM   233 N  N9    . DG  A 1 12 ? 2.105   -17.350 -8.594  1.00 28.13 ? 12 DG  A N9    1 
ATOM   234 C  C8    . DG  A 1 12 ? 3.479   -17.383 -8.573  1.00 23.13 ? 12 DG  A C8    1 
ATOM   235 N  N7    . DG  A 1 12 ? 4.017   -16.582 -9.449  1.00 28.46 ? 12 DG  A N7    1 
ATOM   236 C  C5    . DG  A 1 12 ? 2.936   -15.984 -10.086 1.00 31.60 ? 12 DG  A C5    1 
ATOM   237 C  C6    . DG  A 1 12 ? 2.897   -15.023 -11.129 1.00 19.10 ? 12 DG  A C6    1 
ATOM   238 O  O6    . DG  A 1 12 ? 3.857   -14.502 -11.705 1.00 27.49 ? 12 DG  A O6    1 
ATOM   239 N  N1    . DG  A 1 12 ? 1.589   -14.697 -11.467 1.00 21.71 ? 12 DG  A N1    1 
ATOM   240 C  C2    . DG  A 1 12 ? 0.468   -15.227 -10.880 1.00 19.96 ? 12 DG  A C2    1 
ATOM   241 N  N2    . DG  A 1 12 ? -0.726  -14.807 -11.324 1.00 26.55 ? 12 DG  A N2    1 
ATOM   242 N  N3    . DG  A 1 12 ? 0.489   -16.123 -9.909  1.00 22.79 ? 12 DG  A N3    1 
ATOM   243 C  C4    . DG  A 1 12 ? 1.748   -16.450 -9.568  1.00 29.27 ? 12 DG  A C4    1 
ATOM   244 O  "O5'" . DC  B 1 1  ? -1.125  -10.321 -19.397 1.00 46.36 ? 13 DC  B "O5'" 1 
ATOM   245 C  "C5'" . DC  B 1 1  ? -2.381  -10.832 -18.966 1.00 41.01 ? 13 DC  B "C5'" 1 
ATOM   246 C  "C4'" . DC  B 1 1  ? -2.422  -10.885 -17.461 1.00 37.34 ? 13 DC  B "C4'" 1 
ATOM   247 O  "O4'" . DC  B 1 1  ? -1.447  -11.837 -16.972 1.00 36.74 ? 13 DC  B "O4'" 1 
ATOM   248 C  "C3'" . DC  B 1 1  ? -2.090  -9.564  -16.781 1.00 40.02 ? 13 DC  B "C3'" 1 
ATOM   249 O  "O3'" . DC  B 1 1  ? -3.099  -9.236  -15.830 1.00 42.35 ? 13 DC  B "O3'" 1 
ATOM   250 C  "C2'" . DC  B 1 1  ? -0.744  -9.789  -16.134 1.00 31.98 ? 13 DC  B "C2'" 1 
ATOM   251 C  "C1'" . DC  B 1 1  ? -0.842  -11.270 -15.805 1.00 34.27 ? 13 DC  B "C1'" 1 
ATOM   252 N  N1    . DC  B 1 1  ? 0.407   -11.998 -15.594 1.00 28.46 ? 13 DC  B N1    1 
ATOM   253 C  C2    . DC  B 1 1  ? 0.542   -12.740 -14.417 1.00 30.17 ? 13 DC  B C2    1 
ATOM   254 O  O2    . DC  B 1 1  ? -0.395  -12.749 -13.607 1.00 27.02 ? 13 DC  B O2    1 
ATOM   255 N  N3    . DC  B 1 1  ? 1.687   -13.427 -14.192 1.00 32.82 ? 13 DC  B N3    1 
ATOM   256 C  C4    . DC  B 1 1  ? 2.664   -13.383 -15.105 1.00 36.55 ? 13 DC  B C4    1 
ATOM   257 N  N4    . DC  B 1 1  ? 3.780   -14.074 -14.851 1.00 31.05 ? 13 DC  B N4    1 
ATOM   258 C  C5    . DC  B 1 1  ? 2.548   -12.633 -16.312 1.00 41.19 ? 13 DC  B C5    1 
ATOM   259 C  C6    . DC  B 1 1  ? 1.409   -11.957 -16.521 1.00 32.38 ? 13 DC  B C6    1 
ATOM   260 P  P     . DG  B 1 2  ? -4.506  -8.641  -16.306 1.00 36.88 ? 14 DG  B P     1 
ATOM   261 O  OP1   . DG  B 1 2  ? -4.885  -9.259  -17.597 1.00 40.84 ? 14 DG  B OP1   1 
ATOM   262 O  OP2   . DG  B 1 2  ? -4.445  -7.160  -16.206 1.00 51.82 ? 14 DG  B OP2   1 
ATOM   263 O  "O5'" . DG  B 1 2  ? -5.505  -9.177  -15.180 1.00 29.43 ? 14 DG  B "O5'" 1 
ATOM   264 C  "C5'" . DG  B 1 2  ? -5.938  -10.544 -15.185 1.00 33.61 ? 14 DG  B "C5'" 1 
ATOM   265 C  "C4'" . DG  B 1 2  ? -5.904  -11.099 -13.776 1.00 24.07 ? 14 DG  B "C4'" 1 
ATOM   266 O  "O4'" . DG  B 1 2  ? -4.547  -11.401 -13.408 1.00 32.75 ? 14 DG  B "O4'" 1 
ATOM   267 C  "C3'" . DG  B 1 2  ? -6.427  -10.141 -12.719 1.00 26.48 ? 14 DG  B "C3'" 1 
ATOM   268 O  "O3'" . DG  B 1 2  ? -7.529  -10.736 -12.026 1.00 26.49 ? 14 DG  B "O3'" 1 
ATOM   269 C  "C2'" . DG  B 1 2  ? -5.271  -9.866  -11.791 1.00 40.18 ? 14 DG  B "C2'" 1 
ATOM   270 C  "C1'" . DG  B 1 2  ? -4.302  -10.995 -12.054 1.00 38.68 ? 14 DG  B "C1'" 1 
ATOM   271 N  N9    . DG  B 1 2  ? -2.877  -10.654 -11.973 1.00 28.47 ? 14 DG  B N9    1 
ATOM   272 C  C8    . DG  B 1 2  ? -2.226  -9.760  -12.795 1.00 30.76 ? 14 DG  B C8    1 
ATOM   273 N  N7    . DG  B 1 2  ? -0.959  -9.638  -12.514 1.00 30.53 ? 14 DG  B N7    1 
ATOM   274 C  C5    . DG  B 1 2  ? -0.754  -10.496 -11.447 1.00 26.06 ? 14 DG  B C5    1 
ATOM   275 C  C6    . DG  B 1 2  ? 0.445   -10.766 -10.731 1.00 20.96 ? 14 DG  B C6    1 
ATOM   276 O  O6    . DG  B 1 2  ? 1.566   -10.284 -10.917 1.00 27.51 ? 14 DG  B O6    1 
ATOM   277 N  N1    . DG  B 1 2  ? 0.244   -11.694 -9.719  1.00 21.88 ? 14 DG  B N1    1 
ATOM   278 C  C2    . DG  B 1 2  ? -0.976  -12.272 -9.453  1.00 22.94 ? 14 DG  B C2    1 
ATOM   279 N  N2    . DG  B 1 2  ? -0.983  -13.145 -8.440  1.00 27.20 ? 14 DG  B N2    1 
ATOM   280 N  N3    . DG  B 1 2  ? -2.098  -12.030 -10.110 1.00 32.91 ? 14 DG  B N3    1 
ATOM   281 C  C4    . DG  B 1 2  ? -1.932  -11.130 -11.103 1.00 27.55 ? 14 DG  B C4    1 
ATOM   282 P  P     . DC  B 1 3  ? -8.366  -9.793  -11.023 1.00 30.87 ? 15 DC  B P     1 
ATOM   283 O  OP1   . DC  B 1 3  ? -9.746  -10.320 -10.932 1.00 35.22 ? 15 DC  B OP1   1 
ATOM   284 O  OP2   . DC  B 1 3  ? -8.087  -8.397  -11.441 1.00 31.17 ? 15 DC  B OP2   1 
ATOM   285 O  "O5'" . DC  B 1 3  ? -7.665  -10.043 -9.621  1.00 24.37 ? 15 DC  B "O5'" 1 
ATOM   286 C  "C5'" . DC  B 1 3  ? -7.705  -11.331 -8.989  1.00 19.78 ? 15 DC  B "C5'" 1 
ATOM   287 C  "C4'" . DC  B 1 3  ? -6.560  -11.381 -8.012  1.00 21.48 ? 15 DC  B "C4'" 1 
ATOM   288 O  "O4'" . DC  B 1 3  ? -5.347  -10.919 -8.649  1.00 25.51 ? 15 DC  B "O4'" 1 
ATOM   289 C  "C3'" . DC  B 1 3  ? -6.714  -10.480 -6.807  1.00 21.51 ? 15 DC  B "C3'" 1 
ATOM   290 O  "O3'" . DC  B 1 3  ? -7.387  -11.161 -5.752  1.00 27.56 ? 15 DC  B "O3'" 1 
ATOM   291 C  "C2'" . DC  B 1 3  ? -5.302  -10.122 -6.426  1.00 32.45 ? 15 DC  B "C2'" 1 
ATOM   292 C  "C1'" . DC  B 1 3  ? -4.448  -10.555 -7.596  1.00 21.67 ? 15 DC  B "C1'" 1 
ATOM   293 N  N1    . DC  B 1 3  ? -3.568  -9.521  -8.152  1.00 23.92 ? 15 DC  B N1    1 
ATOM   294 C  C2    . DC  B 1 3  ? -2.207  -9.595  -7.844  1.00 23.64 ? 15 DC  B C2    1 
ATOM   295 O  O2    . DC  B 1 3  ? -1.807  -10.518 -7.121  1.00 23.25 ? 15 DC  B O2    1 
ATOM   296 N  N3    . DC  B 1 3  ? -1.376  -8.659  -8.343  1.00 27.07 ? 15 DC  B N3    1 
ATOM   297 C  C4    . DC  B 1 3  ? -1.856  -7.685  -9.118  1.00 27.23 ? 15 DC  B C4    1 
ATOM   298 N  N4    . DC  B 1 3  ? -0.988  -6.787  -9.583  1.00 28.65 ? 15 DC  B N4    1 
ATOM   299 C  C5    . DC  B 1 3  ? -3.237  -7.595  -9.444  1.00 27.34 ? 15 DC  B C5    1 
ATOM   300 C  C6    . DC  B 1 3  ? -4.056  -8.524  -8.946  1.00 24.34 ? 15 DC  B C6    1 
ATOM   301 P  P     . DG  B 1 4  ? -7.867  -10.342 -4.453  1.00 38.58 ? 16 DG  B P     1 
ATOM   302 O  OP1   . DG  B 1 4  ? -9.024  -11.077 -3.888  1.00 55.24 ? 16 DG  B OP1   1 
ATOM   303 O  OP2   . DG  B 1 4  ? -7.951  -8.911  -4.818  1.00 31.28 ? 16 DG  B OP2   1 
ATOM   304 O  "O5'" . DG  B 1 4  ? -6.632  -10.512 -3.446  1.00 28.26 ? 16 DG  B "O5'" 1 
ATOM   305 C  "C5'" . DG  B 1 4  ? -6.231  -11.838 -3.081  1.00 27.01 ? 16 DG  B "C5'" 1 
ATOM   306 C  "C4'" . DG  B 1 4  ? -4.981  -11.767 -2.233  1.00 27.98 ? 16 DG  B "C4'" 1 
ATOM   307 O  "O4'" . DG  B 1 4  ? -3.929  -11.082 -2.942  1.00 30.42 ? 16 DG  B "O4'" 1 
ATOM   308 C  "C3'" . DG  B 1 4  ? -5.170  -11.006 -0.927  1.00 37.76 ? 16 DG  B "C3'" 1 
ATOM   309 O  "O3'" . DG  B 1 4  ? -4.468  -11.668 0.122   1.00 43.38 ? 16 DG  B "O3'" 1 
ATOM   310 C  "C2'" . DG  B 1 4  ? -4.635  -9.630  -1.221  1.00 37.97 ? 16 DG  B "C2'" 1 
ATOM   311 C  "C1'" . DG  B 1 4  ? -3.578  -9.876  -2.276  1.00 34.06 ? 16 DG  B "C1'" 1 
ATOM   312 N  N9    . DG  B 1 4  ? -3.490  -8.827  -3.308  1.00 34.73 ? 16 DG  B N9    1 
ATOM   313 C  C8    . DG  B 1 4  ? -4.482  -8.120  -3.940  1.00 32.76 ? 16 DG  B C8    1 
ATOM   314 N  N7    . DG  B 1 4  ? -4.029  -7.259  -4.811  1.00 33.12 ? 16 DG  B N7    1 
ATOM   315 C  C5    . DG  B 1 4  ? -2.652  -7.399  -4.758  1.00 31.33 ? 16 DG  B C5    1 
ATOM   316 C  C6    . DG  B 1 4  ? -1.607  -6.745  -5.461  1.00 33.57 ? 16 DG  B C6    1 
ATOM   317 O  O6    . DG  B 1 4  ? -1.665  -5.860  -6.324  1.00 31.10 ? 16 DG  B O6    1 
ATOM   318 N  N1    . DG  B 1 4  ? -0.358  -7.223  -5.068  1.00 23.73 ? 16 DG  B N1    1 
ATOM   319 C  C2    . DG  B 1 4  ? -0.121  -8.191  -4.135  1.00 23.17 ? 16 DG  B C2    1 
ATOM   320 N  N2    . DG  B 1 4  ? 1.161   -8.516  -3.894  1.00 29.29 ? 16 DG  B N2    1 
ATOM   321 N  N3    . DG  B 1 4  ? -1.082  -8.808  -3.472  1.00 35.26 ? 16 DG  B N3    1 
ATOM   322 C  C4    . DG  B 1 4  ? -2.303  -8.361  -3.837  1.00 35.83 ? 16 DG  B C4    1 
ATOM   323 P  P     . DA  B 1 5  ? -4.142  -10.937 1.513   1.00 41.73 ? 17 DA  B P     1 
ATOM   324 O  OP1   . DA  B 1 5  ? -3.916  -11.998 2.533   1.00 52.96 ? 17 DA  B OP1   1 
ATOM   325 O  OP2   . DA  B 1 5  ? -5.153  -9.891  1.743   1.00 37.35 ? 17 DA  B OP2   1 
ATOM   326 O  "O5'" . DA  B 1 5  ? -2.721  -10.252 1.227   1.00 45.47 ? 17 DA  B "O5'" 1 
ATOM   327 C  "C5'" . DA  B 1 5  ? -1.686  -11.096 0.700   1.00 36.44 ? 17 DA  B "C5'" 1 
ATOM   328 C  "C4'" . DA  B 1 5  ? -0.334  -10.463 0.857   1.00 40.46 ? 17 DA  B "C4'" 1 
ATOM   329 O  "O4'" . DA  B 1 5  ? -0.149  -9.464  -0.175  1.00 33.76 ? 17 DA  B "O4'" 1 
ATOM   330 C  "C3'" . DA  B 1 5  ? -0.095  -9.723  2.170   1.00 48.46 ? 17 DA  B "C3'" 1 
ATOM   331 O  "O3'" . DA  B 1 5  ? 1.258   -9.892  2.575   1.00 53.35 ? 17 DA  B "O3'" 1 
ATOM   332 C  "C2'" . DA  B 1 5  ? -0.445  -8.297  1.848   1.00 47.97 ? 17 DA  B "C2'" 1 
ATOM   333 C  "C1'" . DA  B 1 5  ? -0.044  -8.166  0.386   1.00 38.97 ? 17 DA  B "C1'" 1 
ATOM   334 N  N9    . DA  B 1 5  ? -0.907  -7.268  -0.394  1.00 29.45 ? 17 DA  B N9    1 
ATOM   335 C  C8    . DA  B 1 5  ? -2.273  -7.143  -0.313  1.00 31.01 ? 17 DA  B C8    1 
ATOM   336 N  N7    . DA  B 1 5  ? -2.777  -6.251  -1.142  1.00 22.13 ? 17 DA  B N7    1 
ATOM   337 C  C5    . DA  B 1 5  ? -1.651  -5.770  -1.802  1.00 24.20 ? 17 DA  B C5    1 
ATOM   338 C  C6    . DA  B 1 5  ? -1.509  -4.802  -2.807  1.00 23.24 ? 17 DA  B C6    1 
ATOM   339 N  N6    . DA  B 1 5  ? -2.551  -4.141  -3.319  1.00 33.29 ? 17 DA  B N6    1 
ATOM   340 N  N1    . DA  B 1 5  ? -0.271  -4.542  -3.260  1.00 26.54 ? 17 DA  B N1    1 
ATOM   341 C  C2    . DA  B 1 5  ? 0.761   -5.220  -2.729  1.00 34.37 ? 17 DA  B C2    1 
ATOM   342 N  N3    . DA  B 1 5  ? 0.758   -6.154  -1.781  1.00 33.40 ? 17 DA  B N3    1 
ATOM   343 C  C4    . DA  B 1 5  ? -0.498  -6.384  -1.355  1.00 25.58 ? 17 DA  B C4    1 
ATOM   344 P  P     . DA  B 1 6  ? 1.934   -9.275  3.883   1.00 49.08 ? 18 DA  B P     1 
ATOM   345 O  OP1   . DA  B 1 6  ? 2.817   -10.333 4.455   1.00 68.08 ? 18 DA  B OP1   1 
ATOM   346 O  OP2   . DA  B 1 6  ? 0.874   -8.676  4.734   1.00 34.79 ? 18 DA  B OP2   1 
ATOM   347 O  "O5'" . DA  B 1 6  ? 2.867   -8.094  3.359   1.00 30.78 ? 18 DA  B "O5'" 1 
ATOM   348 C  "C5'" . DA  B 1 6  ? 3.662   -8.216  2.176   1.00 21.25 ? 18 DA  B "C5'" 1 
ATOM   349 C  "C4'" . DA  B 1 6  ? 4.232   -6.873  1.797   1.00 32.90 ? 18 DA  B "C4'" 1 
ATOM   350 O  "O4'" . DA  B 1 6  ? 3.254   -6.099  1.067   1.00 31.54 ? 18 DA  B "O4'" 1 
ATOM   351 C  "C3'" . DA  B 1 6  ? 4.650   -5.998  2.987   1.00 35.07 ? 18 DA  B "C3'" 1 
ATOM   352 O  "O3'" . DA  B 1 6  ? 5.973   -5.537  2.749   1.00 45.41 ? 18 DA  B "O3'" 1 
ATOM   353 C  "C2'" . DA  B 1 6  ? 3.613   -4.907  3.056   1.00 26.64 ? 18 DA  B "C2'" 1 
ATOM   354 C  "C1'" . DA  B 1 6  ? 3.146   -4.783  1.627   1.00 28.86 ? 18 DA  B "C1'" 1 
ATOM   355 N  N9    . DA  B 1 6  ? 1.741   -4.414  1.382   1.00 20.41 ? 18 DA  B N9    1 
ATOM   356 C  C8    . DA  B 1 6  ? 0.612   -4.835  2.024   1.00 20.41 ? 18 DA  B C8    1 
ATOM   357 N  N7    . DA  B 1 6  ? -0.494  -4.308  1.554   1.00 23.33 ? 18 DA  B N7    1 
ATOM   358 C  C5    . DA  B 1 6  ? -0.045  -3.491  0.535   1.00 21.67 ? 18 DA  B C5    1 
ATOM   359 C  C6    . DA  B 1 6  ? -0.722  -2.649  -0.364  1.00 18.42 ? 18 DA  B C6    1 
ATOM   360 N  N6    . DA  B 1 6  ? -2.040  -2.518  -0.341  1.00 23.02 ? 18 DA  B N6    1 
ATOM   361 N  N1    . DA  B 1 6  ? 0.019   -1.973  -1.253  1.00 17.31 ? 18 DA  B N1    1 
ATOM   362 C  C2    . DA  B 1 6  ? 1.351   -2.109  -1.270  1.00 21.80 ? 18 DA  B C2    1 
ATOM   363 N  N3    . DA  B 1 6  ? 2.099   -2.873  -0.475  1.00 26.20 ? 18 DA  B N3    1 
ATOM   364 C  C4    . DA  B 1 6  ? 1.323   -3.538  0.407   1.00 21.02 ? 18 DA  B C4    1 
ATOM   365 P  P     . DT  B 1 7  ? 6.798   -4.516  3.650   1.00 48.14 ? 19 DT  B P     1 
ATOM   366 O  OP1   . DT  B 1 7  ? 8.239   -4.876  3.542   1.00 43.75 ? 19 DT  B OP1   1 
ATOM   367 O  OP2   . DT  B 1 7  ? 6.140   -4.433  4.974   1.00 40.16 ? 19 DT  B OP2   1 
ATOM   368 O  "O5'" . DT  B 1 7  ? 6.615   -3.119  2.900   1.00 43.20 ? 19 DT  B "O5'" 1 
ATOM   369 C  "C5'" . DT  B 1 7  ? 6.652   -3.061  1.468   1.00 38.33 ? 19 DT  B "C5'" 1 
ATOM   370 C  "C4'" . DT  B 1 7  ? 6.280   -1.672  1.005   1.00 32.73 ? 19 DT  B "C4'" 1 
ATOM   371 O  "O4'" . DT  B 1 7  ? 4.852   -1.518  0.915   1.00 32.62 ? 19 DT  B "O4'" 1 
ATOM   372 C  "C3'" . DT  B 1 7  ? 6.750   -0.570  1.950   1.00 35.10 ? 19 DT  B "C3'" 1 
ATOM   373 O  "O3'" . DT  B 1 7  ? 7.699   0.240   1.259   1.00 36.95 ? 19 DT  B "O3'" 1 
ATOM   374 C  "C2'" . DT  B 1 7  ? 5.517   0.196   2.363   1.00 35.77 ? 19 DT  B "C2'" 1 
ATOM   375 C  "C1'" . DT  B 1 7  ? 4.504   -0.172  1.307   1.00 28.67 ? 19 DT  B "C1'" 1 
ATOM   376 N  N1    . DT  B 1 7  ? 3.092   -0.329  1.656   1.00 23.20 ? 19 DT  B N1    1 
ATOM   377 C  C2    . DT  B 1 7  ? 2.156   0.339   0.900   1.00 14.39 ? 19 DT  B C2    1 
ATOM   378 O  O2    . DT  B 1 7  ? 2.448   1.058   -0.042  1.00 18.71 ? 19 DT  B O2    1 
ATOM   379 N  N3    . DT  B 1 7  ? 0.865   0.129   1.295   1.00 20.78 ? 19 DT  B N3    1 
ATOM   380 C  C4    . DT  B 1 7  ? 0.406   -0.655  2.337   1.00 24.28 ? 19 DT  B C4    1 
ATOM   381 O  O4    . DT  B 1 7  ? -0.802  -0.723  2.548   1.00 23.08 ? 19 DT  B O4    1 
ATOM   382 C  C5    . DT  B 1 7  ? 1.439   -1.328  3.085   1.00 18.61 ? 19 DT  B C5    1 
ATOM   383 C  C7    . DT  B 1 7  ? 1.072   -2.205  4.237   1.00 15.63 ? 19 DT  B C7    1 
ATOM   384 C  C6    . DT  B 1 7  ? 2.709   -1.131  2.707   1.00 24.46 ? 19 DT  B C6    1 
ATOM   385 P  P     . DT  B 1 8  ? 8.342   1.535   1.948   1.00 41.52 ? 20 DT  B P     1 
ATOM   386 O  OP1   . DT  B 1 8  ? 9.514   1.916   1.123   1.00 33.07 ? 20 DT  B OP1   1 
ATOM   387 O  OP2   . DT  B 1 8  ? 8.475   1.286   3.404   1.00 43.45 ? 20 DT  B OP2   1 
ATOM   388 O  "O5'" . DT  B 1 8  ? 7.210   2.651   1.746   1.00 35.02 ? 20 DT  B "O5'" 1 
ATOM   389 C  "C5'" . DT  B 1 8  ? 7.047   3.161   0.414   1.00 35.13 ? 20 DT  B "C5'" 1 
ATOM   390 C  "C4'" . DT  B 1 8  ? 5.857   4.079   0.361   1.00 31.05 ? 20 DT  B "C4'" 1 
ATOM   391 O  "O4'" . DT  B 1 8  ? 4.687   3.428   0.880   1.00 27.40 ? 20 DT  B "O4'" 1 
ATOM   392 C  "C3'" . DT  B 1 8  ? 6.017   5.337   1.206   1.00 23.52 ? 20 DT  B "C3'" 1 
ATOM   393 O  "O3'" . DT  B 1 8  ? 6.268   6.443   0.346   1.00 31.61 ? 20 DT  B "O3'" 1 
ATOM   394 C  "C2'" . DT  B 1 8  ? 4.731   5.488   1.961   1.00 24.81 ? 20 DT  B "C2'" 1 
ATOM   395 C  "C1'" . DT  B 1 8  ? 3.808   4.454   1.374   1.00 19.80 ? 20 DT  B "C1'" 1 
ATOM   396 N  N1    . DT  B 1 8  ? 2.892   3.745   2.271   1.00 23.40 ? 20 DT  B N1    1 
ATOM   397 C  C2    . DT  B 1 8  ? 1.539   3.902   2.044   1.00 24.46 ? 20 DT  B C2    1 
ATOM   398 O  O2    . DT  B 1 8  ? 1.136   4.608   1.134   1.00 22.88 ? 20 DT  B O2    1 
ATOM   399 N  N3    . DT  B 1 8  ? 0.740   3.212   2.916   1.00 21.93 ? 20 DT  B N3    1 
ATOM   400 C  C4    . DT  B 1 8  ? 1.121   2.401   3.964   1.00 30.11 ? 20 DT  B C4    1 
ATOM   401 O  O4    . DT  B 1 8  ? 0.277   1.843   4.666   1.00 34.53 ? 20 DT  B O4    1 
ATOM   402 C  C5    . DT  B 1 8  ? 2.550   2.279   4.143   1.00 31.41 ? 20 DT  B C5    1 
ATOM   403 C  C7    . DT  B 1 8  ? 3.066   1.419   5.253   1.00 27.80 ? 20 DT  B C7    1 
ATOM   404 C  C6    . DT  B 1 8  ? 3.346   2.948   3.298   1.00 31.06 ? 20 DT  B C6    1 
ATOM   405 P  P     . DC  B 1 9  ? 6.770   7.837   0.973   1.00 36.65 ? 21 DC  B P     1 
ATOM   406 O  OP1   . DC  B 1 9  ? 7.674   8.463   -0.007  1.00 37.41 ? 21 DC  B OP1   1 
ATOM   407 O  OP2   . DC  B 1 9  ? 7.167   7.614   2.375   1.00 37.50 ? 21 DC  B OP2   1 
ATOM   408 O  "O5'" . DC  B 1 9  ? 5.393   8.665   0.986   1.00 33.66 ? 21 DC  B "O5'" 1 
ATOM   409 C  "C5'" . DC  B 1 9  ? 4.566   8.591   -0.183  1.00 30.41 ? 21 DC  B "C5'" 1 
ATOM   410 C  "C4'" . DC  B 1 9  ? 3.190   9.139   0.138   1.00 30.39 ? 21 DC  B "C4'" 1 
ATOM   411 O  "O4'" . DC  B 1 9  ? 2.504   8.205   0.988   1.00 27.85 ? 21 DC  B "O4'" 1 
ATOM   412 C  "C3'" . DC  B 1 9  ? 3.174   10.469  0.882   1.00 25.10 ? 21 DC  B "C3'" 1 
ATOM   413 O  "O3'" . DC  B 1 9  ? 2.442   11.417  0.104   1.00 30.64 ? 21 DC  B "O3'" 1 
ATOM   414 C  "C2'" . DC  B 1 9  ? 2.543   10.178  2.220   1.00 25.43 ? 21 DC  B "C2'" 1 
ATOM   415 C  "C1'" . DC  B 1 9  ? 1.748   8.920   1.980   1.00 25.88 ? 21 DC  B "C1'" 1 
ATOM   416 N  N1    . DC  B 1 9  ? 1.619   7.898   3.020   1.00 24.94 ? 21 DC  B N1    1 
ATOM   417 C  C2    . DC  B 1 9  ? 0.333   7.418   3.301   1.00 28.36 ? 21 DC  B C2    1 
ATOM   418 O  O2    . DC  B 1 9  ? -0.598  7.905   2.646   1.00 26.89 ? 21 DC  B O2    1 
ATOM   419 N  N3    . DC  B 1 9  ? 0.168   6.471   4.252   1.00 29.94 ? 21 DC  B N3    1 
ATOM   420 C  C4    . DC  B 1 9  ? 1.242   6.006   4.906   1.00 28.48 ? 21 DC  B C4    1 
ATOM   421 N  N4    . DC  B 1 9  ? 1.048   5.074   5.838   1.00 24.34 ? 21 DC  B N4    1 
ATOM   422 C  C5    . DC  B 1 9  ? 2.566   6.471   4.641   1.00 21.99 ? 21 DC  B C5    1 
ATOM   423 C  C6    . DC  B 1 9  ? 2.699   7.409   3.696   1.00 25.08 ? 21 DC  B C6    1 
ATOM   424 P  P     . DG  B 1 10 ? 2.658   12.990  0.296   1.00 33.84 ? 22 DG  B P     1 
ATOM   425 O  OP1   . DG  B 1 10 ? 2.481   13.635  -1.025  1.00 26.44 ? 22 DG  B OP1   1 
ATOM   426 O  OP2   . DG  B 1 10 ? 3.949   13.191  1.024   1.00 44.71 ? 22 DG  B OP2   1 
ATOM   427 O  "O5'" . DG  B 1 10 ? 1.490   13.441  1.275   1.00 34.42 ? 22 DG  B "O5'" 1 
ATOM   428 C  "C5'" . DG  B 1 10 ? 0.117   13.120  1.050   1.00 35.13 ? 22 DG  B "C5'" 1 
ATOM   429 C  "C4'" . DG  B 1 10 ? -0.691  13.236  2.320   1.00 32.30 ? 22 DG  B "C4'" 1 
ATOM   430 O  "O4'" . DG  B 1 10 ? -0.475  12.058  3.151   1.00 34.60 ? 22 DG  B "O4'" 1 
ATOM   431 C  "C3'" . DG  B 1 10 ? -0.351  14.402  3.229   1.00 31.62 ? 22 DG  B "C3'" 1 
ATOM   432 O  "O3'" . DG  B 1 10 ? -1.531  14.980  3.765   1.00 25.91 ? 22 DG  B "O3'" 1 
ATOM   433 C  "C2'" . DG  B 1 10 ? 0.517   13.789  4.307   1.00 31.34 ? 22 DG  B "C2'" 1 
ATOM   434 C  "C1'" . DG  B 1 10 ? -0.263  12.496  4.502   1.00 30.13 ? 22 DG  B "C1'" 1 
ATOM   435 N  N9    . DG  B 1 10 ? 0.373   11.379  5.205   1.00 28.68 ? 22 DG  B N9    1 
ATOM   436 C  C8    . DG  B 1 10 ? 1.700   11.059  5.369   1.00 20.16 ? 22 DG  B C8    1 
ATOM   437 N  N7    . DG  B 1 10 ? 1.881   9.969   6.068   1.00 21.23 ? 22 DG  B N7    1 
ATOM   438 C  C5    . DG  B 1 10 ? 0.605   9.539   6.388   1.00 22.05 ? 22 DG  B C5    1 
ATOM   439 C  C6    . DG  B 1 10 ? 0.151   8.423   7.124   1.00 25.30 ? 22 DG  B C6    1 
ATOM   440 O  O6    . DG  B 1 10 ? 0.837   7.550   7.668   1.00 29.32 ? 22 DG  B O6    1 
ATOM   441 N  N1    . DG  B 1 10 ? -1.244  8.374   7.203   1.00 19.54 ? 22 DG  B N1    1 
ATOM   442 C  C2    . DG  B 1 10 ? -2.094  9.289   6.638   1.00 17.03 ? 22 DG  B C2    1 
ATOM   443 N  N2    . DG  B 1 10 ? -3.406  9.084   6.814   1.00 25.57 ? 22 DG  B N2    1 
ATOM   444 N  N3    . DG  B 1 10 ? -1.679  10.334  5.948   1.00 23.70 ? 22 DG  B N3    1 
ATOM   445 C  C4    . DG  B 1 10 ? -0.341  10.394  5.865   1.00 21.15 ? 22 DG  B C4    1 
ATOM   446 P  P     . DC  B 1 11 ? -1.935  16.509  3.496   1.00 32.70 ? 23 DC  B P     1 
ATOM   447 O  OP1   . DC  B 1 11 ? -2.058  16.725  2.044   1.00 39.91 ? 23 DC  B OP1   1 
ATOM   448 O  OP2   . DC  B 1 11 ? -1.029  17.356  4.322   1.00 41.03 ? 23 DC  B OP2   1 
ATOM   449 O  "O5'" . DC  B 1 11 ? -3.391  16.589  4.146   1.00 25.43 ? 23 DC  B "O5'" 1 
ATOM   450 C  "C5'" . DC  B 1 11 ? -4.408  15.647  3.788   1.00 28.75 ? 23 DC  B "C5'" 1 
ATOM   451 C  "C4'" . DC  B 1 11 ? -5.133  15.195  5.038   1.00 36.24 ? 23 DC  B "C4'" 1 
ATOM   452 O  "O4'" . DC  B 1 11 ? -4.422  14.046  5.568   1.00 33.51 ? 23 DC  B "O4'" 1 
ATOM   453 C  "C3'" . DC  B 1 11 ? -5.216  16.257  6.116   1.00 34.00 ? 23 DC  B "C3'" 1 
ATOM   454 O  "O3'" . DC  B 1 11 ? -6.567  16.622  6.430   1.00 35.09 ? 23 DC  B "O3'" 1 
ATOM   455 C  "C2'" . DC  B 1 11 ? -4.567  15.617  7.305   1.00 36.27 ? 23 DC  B "C2'" 1 
ATOM   456 C  "C1'" . DC  B 1 11 ? -4.357  14.150  6.972   1.00 38.84 ? 23 DC  B "C1'" 1 
ATOM   457 N  N1    . DC  B 1 11 ? -3.051  13.658  7.455   1.00 30.71 ? 23 DC  B N1    1 
ATOM   458 C  C2    . DC  B 1 11 ? -3.054  12.528  8.277   1.00 29.17 ? 23 DC  B C2    1 
ATOM   459 O  O2    . DC  B 1 11 ? -4.145  12.007  8.550   1.00 21.83 ? 23 DC  B O2    1 
ATOM   460 N  N3    . DC  B 1 11 ? -1.878  12.044  8.747   1.00 24.36 ? 23 DC  B N3    1 
ATOM   461 C  C4    . DC  B 1 11 ? -0.738  12.650  8.415   1.00 20.17 ? 23 DC  B C4    1 
ATOM   462 N  N4    . DC  B 1 11 ? 0.394   12.133  8.901   1.00 21.33 ? 23 DC  B N4    1 
ATOM   463 C  C5    . DC  B 1 11 ? -0.701  13.802  7.580   1.00 21.20 ? 23 DC  B C5    1 
ATOM   464 C  C6    . DC  B 1 11 ? -1.875  14.267  7.127   1.00 21.12 ? 23 DC  B C6    1 
ATOM   465 P  P     . DG  B 1 12 ? -6.834  17.828  7.473   1.00 41.19 ? 24 DG  B P     1 
ATOM   466 O  OP1   . DG  B 1 12 ? -8.091  18.503  7.062   1.00 49.23 ? 24 DG  B OP1   1 
ATOM   467 O  OP2   . DG  B 1 12 ? -5.560  18.584  7.611   1.00 27.08 ? 24 DG  B OP2   1 
ATOM   468 O  "O5'" . DG  B 1 12 ? -7.119  17.115  8.870   1.00 33.33 ? 24 DG  B "O5'" 1 
ATOM   469 C  "C5'" . DG  B 1 12 ? -8.300  16.327  9.060   1.00 26.73 ? 24 DG  B "C5'" 1 
ATOM   470 C  "C4'" . DG  B 1 12 ? -8.107  15.388  10.221  1.00 34.26 ? 24 DG  B "C4'" 1 
ATOM   471 O  "O4'" . DG  B 1 12 ? -6.920  14.573  10.031  1.00 34.10 ? 24 DG  B "O4'" 1 
ATOM   472 C  "C3'" . DG  B 1 12 ? -7.882  16.058  11.564  1.00 26.00 ? 24 DG  B "C3'" 1 
ATOM   473 O  "O3'" . DG  B 1 12 ? -9.123  16.393  12.184  1.00 32.63 ? 24 DG  B "O3'" 1 
ATOM   474 C  "C2'" . DG  B 1 12 ? -7.118  15.033  12.352  1.00 32.92 ? 24 DG  B "C2'" 1 
ATOM   475 C  "C1'" . DG  B 1 12 ? -6.443  14.161  11.313  1.00 31.12 ? 24 DG  B "C1'" 1 
ATOM   476 N  N9    . DG  B 1 12 ? -4.984  14.293  11.247  1.00 22.58 ? 24 DG  B N9    1 
ATOM   477 C  C8    . DG  B 1 12 ? -4.284  15.249  10.553  1.00 23.80 ? 24 DG  B C8    1 
ATOM   478 N  N7    . DG  B 1 12 ? -2.997  15.139  10.660  1.00 23.49 ? 24 DG  B N7    1 
ATOM   479 C  C5    . DG  B 1 12 ? -2.837  14.037  11.480  1.00 21.79 ? 24 DG  B C5    1 
ATOM   480 C  C6    . DG  B 1 12 ? -1.643  13.430  11.954  1.00 22.67 ? 24 DG  B C6    1 
ATOM   481 O  O6    . DG  B 1 12 ? -0.499  13.801  11.701  1.00 19.67 ? 24 DG  B O6    1 
ATOM   482 N  N1    . DG  B 1 12 ? -1.919  12.337  12.756  1.00 20.68 ? 24 DG  B N1    1 
ATOM   483 C  C2    . DG  B 1 12 ? -3.175  11.878  13.069  1.00 20.19 ? 24 DG  B C2    1 
ATOM   484 N  N2    . DG  B 1 12 ? -3.273  10.804  13.862  1.00 24.59 ? 24 DG  B N2    1 
ATOM   485 N  N3    . DG  B 1 12 ? -4.287  12.436  12.634  1.00 20.59 ? 24 DG  B N3    1 
ATOM   486 C  C4    . DG  B 1 12 ? -4.044  13.502  11.850  1.00 18.18 ? 24 DG  B C4    1 
HETATM 487 MG MG    . MG  C 2 .  ? 4.090   7.530   10.219  1.00 28.67 ? 26 MG  A MG    1 
HETATM 488 C  C1    . RKA D 3 .  ? 6.386   2.441   -3.005  1.00 47.68 ? 25 RKA A C1    1 
HETATM 489 C  C2    . RKA D 3 .  ? 5.790   3.682   -3.005  1.00 42.58 ? 25 RKA A C2    1 
HETATM 490 C  C3    . RKA D 3 .  ? 4.452   3.530   -2.595  1.00 43.35 ? 25 RKA A C3    1 
HETATM 491 N  N4    . RKA D 3 .  ? 4.232   2.161   -2.330  1.00 47.74 ? 25 RKA A N4    1 
HETATM 492 C  C5    . RKA D 3 .  ? 5.435   1.483   -2.587  1.00 50.48 ? 25 RKA A C5    1 
HETATM 493 C  C6    . RKA D 3 .  ? 3.447   4.529   -2.449  1.00 38.77 ? 25 RKA A C6    1 
HETATM 494 C  C7    . RKA D 3 .  ? 3.662   5.875   -2.800  1.00 38.84 ? 25 RKA A C7    1 
HETATM 495 C  C8    . RKA D 3 .  ? 2.655   6.820   -2.641  1.00 34.76 ? 25 RKA A C8    1 
HETATM 496 C  C9    . RKA D 3 .  ? 1.406   6.448   -2.123  1.00 41.81 ? 25 RKA A C9    1 
HETATM 497 C  C10   . RKA D 3 .  ? 1.169   5.122   -1.765  1.00 28.98 ? 25 RKA A C10   1 
HETATM 498 C  C11   . RKA D 3 .  ? 2.180   4.179   -1.929  1.00 39.25 ? 25 RKA A C11   1 
HETATM 499 C  C12   . RKA D 3 .  ? 5.646   0.080   -2.432  1.00 46.15 ? 25 RKA A C12   1 
HETATM 500 C  C13   . RKA D 3 .  ? 6.932   -0.459  -2.647  1.00 49.43 ? 25 RKA A C13   1 
HETATM 501 C  C14   . RKA D 3 .  ? 7.169   -1.814  -2.504  1.00 48.02 ? 25 RKA A C14   1 
HETATM 502 C  C15   . RKA D 3 .  ? 6.143   -2.690  -2.145  1.00 44.71 ? 25 RKA A C15   1 
HETATM 503 C  C16   . RKA D 3 .  ? 4.865   -2.183  -1.930  1.00 37.52 ? 25 RKA A C16   1 
HETATM 504 C  C17   . RKA D 3 .  ? 4.627   -0.817  -2.071  1.00 41.99 ? 25 RKA A C17   1 
HETATM 505 N  N18   . RKA D 3 .  ? 6.364   -4.130  -1.987  1.00 46.18 ? 25 RKA A N18   1 
HETATM 506 C  C19   . RKA D 3 .  ? 5.537   -5.274  -2.329  1.00 54.55 ? 25 RKA A C19   1 
HETATM 507 N  N20   . RKA D 3 .  ? 4.490   -5.148  -3.031  1.00 49.62 ? 25 RKA A N20   1 
HETATM 508 C  C21   . RKA D 3 .  ? 5.951   -6.644  -1.825  1.00 64.11 ? 25 RKA A C21   1 
HETATM 509 C  C22   . RKA D 3 .  ? 5.678   -7.789  -2.590  1.00 70.26 ? 25 RKA A C22   1 
HETATM 510 C  C23   . RKA D 3 .  ? 6.059   -9.046  -2.127  1.00 72.90 ? 25 RKA A C23   1 
HETATM 511 C  C24   . RKA D 3 .  ? 6.712   -9.170  -0.899  1.00 71.30 ? 25 RKA A C24   1 
HETATM 512 C  C25   . RKA D 3 .  ? 6.997   -8.029  -0.143  1.00 69.57 ? 25 RKA A C25   1 
HETATM 513 C  C26   . RKA D 3 .  ? 6.618   -6.770  -0.597  1.00 66.60 ? 25 RKA A C26   1 
HETATM 514 N  N27   . RKA D 3 .  ? 0.303   7.390   -1.929  1.00 54.72 ? 25 RKA A N27   1 
HETATM 515 C  C28   . RKA D 3 .  ? -0.548  7.783   -0.822  1.00 63.57 ? 25 RKA A C28   1 
HETATM 516 N  N29   . RKA D 3 .  ? -0.649  7.142   0.270   1.00 85.05 ? 25 RKA A N29   1 
HETATM 517 C  C30   . RKA D 3 .  ? -1.369  9.052   -0.998  1.00 67.69 ? 25 RKA A C30   1 
HETATM 518 C  C31   . RKA D 3 .  ? -2.011  9.300   -2.218  1.00 70.75 ? 25 RKA A C31   1 
HETATM 519 C  C32   . RKA D 3 .  ? -2.764  10.460  -2.390  1.00 68.08 ? 25 RKA A C32   1 
HETATM 520 C  C33   . RKA D 3 .  ? -2.872  11.365  -1.337  1.00 70.56 ? 25 RKA A C33   1 
HETATM 521 C  C34   . RKA D 3 .  ? -2.237  11.123  -0.122  1.00 67.58 ? 25 RKA A C34   1 
HETATM 522 C  C35   . RKA D 3 .  ? -1.482  9.968   0.055   1.00 65.61 ? 25 RKA A C35   1 
HETATM 523 O  O     . HOH E 4 .  ? -3.083  3.080   -7.561  1.00 25.96 ? 27 HOH A O     1 
HETATM 524 O  O     . HOH E 4 .  ? 4.189   11.678  10.136  1.00 34.71 ? 28 HOH A O     1 
HETATM 525 O  O     . HOH E 4 .  ? 3.455   4.603   13.346  1.00 25.20 ? 29 HOH A O     1 
HETATM 526 O  O     . HOH E 4 .  ? 4.663   3.512   11.391  1.00 37.51 ? 32 HOH A O     1 
HETATM 527 O  O     . HOH E 4 .  ? 0.132   -2.970  -10.199 1.00 27.61 ? 33 HOH A O     1 
HETATM 528 O  O     . HOH E 4 .  ? 9.207   -11.231 -2.197  1.00 43.02 ? 36 HOH A O     1 
HETATM 529 O  O     . HOH E 4 .  ? 1.130   3.182   9.885   1.00 47.82 ? 37 HOH A O     1 
HETATM 530 O  O     . HOH E 4 .  ? -6.628  8.194   3.443   1.00 33.41 ? 38 HOH A O     1 
HETATM 531 O  O     . HOH E 4 .  ? 1.118   3.481   14.508  1.00 32.14 ? 39 HOH A O     1 
HETATM 532 O  O     . HOH E 4 .  ? 6.540   10.726  12.076  1.00 40.47 ? 41 HOH A O     1 
HETATM 533 O  O     . HOH E 4 .  ? 0.447   1.481   -10.020 1.00 41.85 ? 42 HOH A O     1 
HETATM 534 O  O     . HOH E 4 .  ? -0.848  2.045   7.583   1.00 35.51 ? 43 HOH A O     1 
HETATM 535 O  O     . HOH E 4 .  ? -7.106  3.790   -4.427  1.00 36.26 ? 45 HOH A O     1 
HETATM 536 O  O     . HOH E 4 .  ? 3.072   1.861   8.815   1.00 42.26 ? 46 HOH A O     1 
HETATM 537 O  O     . HOH E 4 .  ? 2.265   -0.903  -9.932  1.00 39.76 ? 48 HOH A O     1 
HETATM 538 O  O     . HOH E 4 .  ? -4.991  9.006   0.936   1.00 41.28 ? 51 HOH A O     1 
HETATM 539 O  O     . HOH E 4 .  ? 5.707   12.295  13.858  1.00 32.50 ? 52 HOH A O     1 
HETATM 540 O  O     . HOH E 4 .  ? 5.647   0.845   10.936  1.00 55.44 ? 53 HOH A O     1 
HETATM 541 O  O     . HOH E 4 .  ? 8.638   -14.030 -8.318  1.00 36.23 ? 54 HOH A O     1 
HETATM 542 O  O     . HOH E 4 .  ? 10.061  0.417   -4.580  1.00 55.32 ? 57 HOH A O     1 
HETATM 543 O  O     . HOH E 4 .  ? 9.913   -6.831  -2.847  1.00 45.24 ? 58 HOH A O     1 
HETATM 544 O  O     . HOH E 4 .  ? 8.707   -5.046  -1.274  1.00 51.80 ? 60 HOH A O     1 
HETATM 545 O  O     . HOH E 4 .  ? 11.558  -2.183  -8.416  1.00 39.68 ? 61 HOH A O     1 
HETATM 546 O  O     . HOH E 4 .  ? 10.222  0.640   -9.645  1.00 36.86 ? 62 HOH A O     1 
HETATM 547 O  O     . HOH E 4 .  ? -11.769 0.716   7.129   1.00 47.77 ? 64 HOH A O     1 
HETATM 548 O  O     . HOH E 4 .  ? 2.651   6.586   11.463  1.00 20.20 ? 65 HOH A O     1 
HETATM 549 O  O     . HOH E 4 .  ? 5.063   8.283   11.951  1.00 30.63 ? 66 HOH A O     1 
HETATM 550 O  O     . HOH E 4 .  ? 2.870   9.268   10.151  1.00 29.33 ? 67 HOH A O     1 
HETATM 551 O  O     . HOH F 4 .  ? 3.308   4.169   7.432   1.00 29.74 ? 30 HOH B O     1 
HETATM 552 O  O     . HOH F 4 .  ? 2.773   14.069  7.872   1.00 34.92 ? 31 HOH B O     1 
HETATM 553 O  O     . HOH F 4 .  ? -6.327  -11.265 -18.263 1.00 37.98 ? 34 HOH B O     1 
HETATM 554 O  O     . HOH F 4 .  ? -1.489  17.301  9.475   1.00 33.84 ? 35 HOH B O     1 
HETATM 555 O  O     . HOH F 4 .  ? 4.468   9.210   6.725   1.00 34.95 ? 40 HOH B O     1 
HETATM 556 O  O     . HOH F 4 .  ? 5.528   7.300   4.949   1.00 51.35 ? 44 HOH B O     1 
HETATM 557 O  O     . HOH F 4 .  ? 3.668   14.983  -3.552  1.00 52.25 ? 47 HOH B O     1 
HETATM 558 O  O     . HOH F 4 .  ? 5.625   4.845   5.813   1.00 45.64 ? 49 HOH B O     1 
HETATM 559 O  O     . HOH F 4 .  ? -3.106  -4.096  -11.434 1.00 54.88 ? 50 HOH B O     1 
HETATM 560 O  O     . HOH F 4 .  ? 4.090   14.861  5.241   1.00 51.18 ? 55 HOH B O     1 
HETATM 561 O  O     . HOH F 4 .  ? 6.380   12.155  2.614   1.00 40.87 ? 56 HOH B O     1 
HETATM 562 O  O     . HOH F 4 .  ? 9.496   6.124   4.537   1.00 39.82 ? 59 HOH B O     1 
HETATM 563 O  O     . HOH F 4 .  ? 3.674   -5.818  6.448   1.00 47.68 ? 63 HOH B O     1 
HETATM 564 O  O     . HOH F 4 .  ? 3.119   6.774   8.481   1.00 18.48 ? 64 HOH B O     1 
HETATM 565 O  O     . HOH F 4 .  ? 5.531   8.477   8.982   1.00 30.24 ? 65 HOH B O     1 
HETATM 566 O  O     . HOH F 4 .  ? 5.306   5.792   10.279  1.00 24.58 ? 66 HOH B O     1 
# 
loop_
_pdbx_poly_seq_scheme.asym_id 
_pdbx_poly_seq_scheme.entity_id 
_pdbx_poly_seq_scheme.seq_id 
_pdbx_poly_seq_scheme.mon_id 
_pdbx_poly_seq_scheme.ndb_seq_num 
_pdbx_poly_seq_scheme.pdb_seq_num 
_pdbx_poly_seq_scheme.auth_seq_num 
_pdbx_poly_seq_scheme.pdb_mon_id 
_pdbx_poly_seq_scheme.auth_mon_id 
_pdbx_poly_seq_scheme.pdb_strand_id 
_pdbx_poly_seq_scheme.pdb_ins_code 
_pdbx_poly_seq_scheme.hetero 
A 1 1  DC 1  1  1  DC C A . n 
A 1 2  DG 2  2  2  DG G A . n 
A 1 3  DC 3  3  3  DC C A . n 
A 1 4  DG 4  4  4  DG G A . n 
A 1 5  DA 5  5  5  DA A A . n 
A 1 6  DA 6  6  6  DA A A . n 
A 1 7  DT 7  7  7  DT T A . n 
A 1 8  DT 8  8  8  DT T A . n 
A 1 9  DC 9  9  9  DC C A . n 
A 1 10 DG 10 10 10 DG G A . n 
A 1 11 DC 11 11 11 DC C A . n 
A 1 12 DG 12 12 12 DG G A . n 
B 1 1  DC 1  13 13 DC C B . n 
B 1 2  DG 2  14 14 DG G B . n 
B 1 3  DC 3  15 15 DC C B . n 
B 1 4  DG 4  16 16 DG G B . n 
B 1 5  DA 5  17 17 DA A B . n 
B 1 6  DA 6  18 18 DA A B . n 
B 1 7  DT 7  19 19 DT T B . n 
B 1 8  DT 8  20 20 DT T B . n 
B 1 9  DC 9  21 21 DC C B . n 
B 1 10 DG 10 22 22 DG G B . n 
B 1 11 DC 11 23 23 DC C B . n 
B 1 12 DG 12 24 24 DG G B . n 
# 
loop_
_pdbx_nonpoly_scheme.asym_id 
_pdbx_nonpoly_scheme.entity_id 
_pdbx_nonpoly_scheme.mon_id 
_pdbx_nonpoly_scheme.ndb_seq_num 
_pdbx_nonpoly_scheme.pdb_seq_num 
_pdbx_nonpoly_scheme.auth_seq_num 
_pdbx_nonpoly_scheme.pdb_mon_id 
_pdbx_nonpoly_scheme.auth_mon_id 
_pdbx_nonpoly_scheme.pdb_strand_id 
_pdbx_nonpoly_scheme.pdb_ins_code 
C 2 MG  1  26 26 MG  MO6 A . 
D 3 RKA 1  25 25 RKA RKA A . 
E 4 HOH 1  27 27 HOH HOH A . 
E 4 HOH 2  28 28 HOH HOH A . 
E 4 HOH 3  29 29 HOH HOH A . 
E 4 HOH 4  32 32 HOH HOH A . 
E 4 HOH 5  33 33 HOH HOH A . 
E 4 HOH 6  36 36 HOH HOH A . 
E 4 HOH 7  37 37 HOH HOH A . 
E 4 HOH 8  38 38 HOH HOH A . 
E 4 HOH 9  39 39 HOH HOH A . 
E 4 HOH 10 41 41 HOH HOH A . 
E 4 HOH 11 42 42 HOH HOH A . 
E 4 HOH 12 43 43 HOH HOH A . 
E 4 HOH 13 45 45 HOH HOH A . 
E 4 HOH 14 46 46 HOH HOH A . 
E 4 HOH 15 48 48 HOH HOH A . 
E 4 HOH 16 51 51 HOH HOH A . 
E 4 HOH 17 52 52 HOH HOH A . 
E 4 HOH 18 53 53 HOH HOH A . 
E 4 HOH 19 54 54 HOH HOH A . 
E 4 HOH 20 57 57 HOH HOH A . 
E 4 HOH 21 58 58 HOH HOH A . 
E 4 HOH 22 60 60 HOH HOH A . 
E 4 HOH 23 61 61 HOH HOH A . 
E 4 HOH 24 62 62 HOH HOH A . 
E 4 HOH 25 64 64 HOH HOH A . 
E 4 HOH 26 65 26 HOH MO6 A . 
E 4 HOH 27 66 26 HOH MO6 A . 
E 4 HOH 28 67 26 HOH MO6 A . 
F 4 HOH 1  30 30 HOH HOH B . 
F 4 HOH 2  31 31 HOH HOH B . 
F 4 HOH 3  34 34 HOH HOH B . 
F 4 HOH 4  35 35 HOH HOH B . 
F 4 HOH 5  40 40 HOH HOH B . 
F 4 HOH 6  44 44 HOH HOH B . 
F 4 HOH 7  47 47 HOH HOH B . 
F 4 HOH 8  49 49 HOH HOH B . 
F 4 HOH 9  50 50 HOH HOH B . 
F 4 HOH 10 55 55 HOH HOH B . 
F 4 HOH 11 56 56 HOH HOH B . 
F 4 HOH 12 59 59 HOH HOH B . 
F 4 HOH 13 63 63 HOH HOH B . 
F 4 HOH 14 64 26 HOH MO6 B . 
F 4 HOH 15 65 26 HOH MO6 B . 
F 4 HOH 16 66 26 HOH MO6 B . 
# 
_struct_site_keywords.site_id   1 
_struct_site_keywords.text      'minor groove binder' 
# 
_pdbx_struct_assembly.id                   1 
_pdbx_struct_assembly.details              author_defined_assembly 
_pdbx_struct_assembly.method_details       ? 
_pdbx_struct_assembly.oligomeric_details   dimeric 
_pdbx_struct_assembly.oligomeric_count     2 
# 
_pdbx_struct_assembly_gen.assembly_id       1 
_pdbx_struct_assembly_gen.oper_expression   1 
_pdbx_struct_assembly_gen.asym_id_list      A,B,C,D,E,F 
# 
_pdbx_struct_oper_list.id                   1 
_pdbx_struct_oper_list.type                 'identity operation' 
_pdbx_struct_oper_list.name                 1_555 
_pdbx_struct_oper_list.symmetry_operation   x,y,z 
_pdbx_struct_oper_list.matrix[1][1]         1.0000000000 
_pdbx_struct_oper_list.matrix[1][2]         0.0000000000 
_pdbx_struct_oper_list.matrix[1][3]         0.0000000000 
_pdbx_struct_oper_list.vector[1]            0.0000000000 
_pdbx_struct_oper_list.matrix[2][1]         0.0000000000 
_pdbx_struct_oper_list.matrix[2][2]         1.0000000000 
_pdbx_struct_oper_list.matrix[2][3]         0.0000000000 
_pdbx_struct_oper_list.vector[2]            0.0000000000 
_pdbx_struct_oper_list.matrix[3][1]         0.0000000000 
_pdbx_struct_oper_list.matrix[3][2]         0.0000000000 
_pdbx_struct_oper_list.matrix[3][3]         1.0000000000 
_pdbx_struct_oper_list.vector[3]            0.0000000000 
# 
loop_
_pdbx_struct_conn_angle.id 
_pdbx_struct_conn_angle.ptnr1_label_atom_id 
_pdbx_struct_conn_angle.ptnr1_label_alt_id 
_pdbx_struct_conn_angle.ptnr1_label_asym_id 
_pdbx_struct_conn_angle.ptnr1_label_comp_id 
_pdbx_struct_conn_angle.ptnr1_label_seq_id 
_pdbx_struct_conn_angle.ptnr1_auth_atom_id 
_pdbx_struct_conn_angle.ptnr1_auth_asym_id 
_pdbx_struct_conn_angle.ptnr1_auth_comp_id 
_pdbx_struct_conn_angle.ptnr1_auth_seq_id 
_pdbx_struct_conn_angle.ptnr1_PDB_ins_code 
_pdbx_struct_conn_angle.ptnr1_symmetry 
_pdbx_struct_conn_angle.ptnr2_label_atom_id 
_pdbx_struct_conn_angle.ptnr2_label_alt_id 
_pdbx_struct_conn_angle.ptnr2_label_asym_id 
_pdbx_struct_conn_angle.ptnr2_label_comp_id 
_pdbx_struct_conn_angle.ptnr2_label_seq_id 
_pdbx_struct_conn_angle.ptnr2_auth_atom_id 
_pdbx_struct_conn_angle.ptnr2_auth_asym_id 
_pdbx_struct_conn_angle.ptnr2_auth_comp_id 
_pdbx_struct_conn_angle.ptnr2_auth_seq_id 
_pdbx_struct_conn_angle.ptnr2_PDB_ins_code 
_pdbx_struct_conn_angle.ptnr2_symmetry 
_pdbx_struct_conn_angle.ptnr3_label_atom_id 
_pdbx_struct_conn_angle.ptnr3_label_alt_id 
_pdbx_struct_conn_angle.ptnr3_label_asym_id 
_pdbx_struct_conn_angle.ptnr3_label_comp_id 
_pdbx_struct_conn_angle.ptnr3_label_seq_id 
_pdbx_struct_conn_angle.ptnr3_auth_atom_id 
_pdbx_struct_conn_angle.ptnr3_auth_asym_id 
_pdbx_struct_conn_angle.ptnr3_auth_comp_id 
_pdbx_struct_conn_angle.ptnr3_auth_seq_id 
_pdbx_struct_conn_angle.ptnr3_PDB_ins_code 
_pdbx_struct_conn_angle.ptnr3_symmetry 
_pdbx_struct_conn_angle.value 
_pdbx_struct_conn_angle.value_esd 
1  O ? E HOH . ? A HOH 65 ? 1_555 MG ? C MG . ? A MG 26 ? 1_555 O ? E HOH . ? A HOH 66 ? 1_555 89.4  ? 
2  O ? E HOH . ? A HOH 65 ? 1_555 MG ? C MG . ? A MG 26 ? 1_555 O ? E HOH . ? A HOH 67 ? 1_555 89.6  ? 
3  O ? E HOH . ? A HOH 66 ? 1_555 MG ? C MG . ? A MG 26 ? 1_555 O ? E HOH . ? A HOH 67 ? 1_555 89.9  ? 
4  O ? E HOH . ? A HOH 65 ? 1_555 MG ? C MG . ? A MG 26 ? 1_555 O ? F HOH . ? B HOH 64 ? 1_555 90.6  ? 
5  O ? E HOH . ? A HOH 66 ? 1_555 MG ? C MG . ? A MG 26 ? 1_555 O ? F HOH . ? B HOH 64 ? 1_555 179.9 ? 
6  O ? E HOH . ? A HOH 67 ? 1_555 MG ? C MG . ? A MG 26 ? 1_555 O ? F HOH . ? B HOH 64 ? 1_555 90.1  ? 
7  O ? E HOH . ? A HOH 65 ? 1_555 MG ? C MG . ? A MG 26 ? 1_555 O ? F HOH . ? B HOH 65 ? 1_555 179.8 ? 
8  O ? E HOH . ? A HOH 66 ? 1_555 MG ? C MG . ? A MG 26 ? 1_555 O ? F HOH . ? B HOH 65 ? 1_555 90.4  ? 
9  O ? E HOH . ? A HOH 67 ? 1_555 MG ? C MG . ? A MG 26 ? 1_555 O ? F HOH . ? B HOH 65 ? 1_555 90.4  ? 
10 O ? F HOH . ? B HOH 64 ? 1_555 MG ? C MG . ? A MG 26 ? 1_555 O ? F HOH . ? B HOH 65 ? 1_555 89.6  ? 
11 O ? E HOH . ? A HOH 65 ? 1_555 MG ? C MG . ? A MG 26 ? 1_555 O ? F HOH . ? B HOH 66 ? 1_555 90.4  ? 
12 O ? E HOH . ? A HOH 66 ? 1_555 MG ? C MG . ? A MG 26 ? 1_555 O ? F HOH . ? B HOH 66 ? 1_555 90.3  ? 
13 O ? E HOH . ? A HOH 67 ? 1_555 MG ? C MG . ? A MG 26 ? 1_555 O ? F HOH . ? B HOH 66 ? 1_555 179.8 ? 
14 O ? F HOH . ? B HOH 64 ? 1_555 MG ? C MG . ? A MG 26 ? 1_555 O ? F HOH . ? B HOH 66 ? 1_555 89.6  ? 
15 O ? F HOH . ? B HOH 65 ? 1_555 MG ? C MG . ? A MG 26 ? 1_555 O ? F HOH . ? B HOH 66 ? 1_555 89.6  ? 
# 
loop_
_pdbx_audit_revision_history.ordinal 
_pdbx_audit_revision_history.data_content_type 
_pdbx_audit_revision_history.major_revision 
_pdbx_audit_revision_history.minor_revision 
_pdbx_audit_revision_history.revision_date 
1 'Structure model' 1 0 2007-05-22 
2 'Structure model' 1 1 2007-10-27 
3 'Structure model' 1 2 2011-07-13 
4 'Structure model' 1 3 2017-10-18 
5 'Structure model' 1 4 2019-07-24 
6 'Structure model' 1 5 2023-08-30 
# 
_pdbx_audit_revision_details.ordinal             1 
_pdbx_audit_revision_details.revision_ordinal    1 
_pdbx_audit_revision_details.data_content_type   'Structure model' 
_pdbx_audit_revision_details.provider            repository 
_pdbx_audit_revision_details.type                'Initial release' 
_pdbx_audit_revision_details.description         ? 
_pdbx_audit_revision_details.details             ? 
# 
loop_
_pdbx_audit_revision_group.ordinal 
_pdbx_audit_revision_group.revision_ordinal 
_pdbx_audit_revision_group.data_content_type 
_pdbx_audit_revision_group.group 
1 2 'Structure model' 'Version format compliance' 
2 3 'Structure model' 'Version format compliance' 
3 4 'Structure model' 'Refinement description'    
4 5 'Structure model' 'Data collection'           
5 5 'Structure model' 'Refinement description'    
6 6 'Structure model' 'Data collection'           
7 6 'Structure model' 'Database references'       
8 6 'Structure model' 'Derived calculations'      
9 6 'Structure model' 'Refinement description'    
# 
loop_
_pdbx_audit_revision_category.ordinal 
_pdbx_audit_revision_category.revision_ordinal 
_pdbx_audit_revision_category.data_content_type 
_pdbx_audit_revision_category.category 
1 4 'Structure model' software                      
2 5 'Structure model' software                      
3 6 'Structure model' chem_comp_atom                
4 6 'Structure model' chem_comp_bond                
5 6 'Structure model' database_2                    
6 6 'Structure model' pdbx_initial_refinement_model 
7 6 'Structure model' pdbx_struct_conn_angle        
8 6 'Structure model' struct_conn                   
9 6 'Structure model' struct_site                   
# 
loop_
_pdbx_audit_revision_item.ordinal 
_pdbx_audit_revision_item.revision_ordinal 
_pdbx_audit_revision_item.data_content_type 
_pdbx_audit_revision_item.item 
1  5 'Structure model' '_software.classification'                    
2  5 'Structure model' '_software.name'                              
3  6 'Structure model' '_database_2.pdbx_DOI'                        
4  6 'Structure model' '_database_2.pdbx_database_accession'         
5  6 'Structure model' '_pdbx_struct_conn_angle.ptnr1_auth_asym_id'  
6  6 'Structure model' '_pdbx_struct_conn_angle.ptnr1_auth_seq_id'   
7  6 'Structure model' '_pdbx_struct_conn_angle.ptnr1_label_asym_id' 
8  6 'Structure model' '_pdbx_struct_conn_angle.ptnr3_auth_asym_id'  
9  6 'Structure model' '_pdbx_struct_conn_angle.ptnr3_auth_seq_id'   
10 6 'Structure model' '_pdbx_struct_conn_angle.ptnr3_label_asym_id' 
11 6 'Structure model' '_pdbx_struct_conn_angle.value'               
12 6 'Structure model' '_struct_conn.pdbx_dist_value'                
13 6 'Structure model' '_struct_conn.ptnr2_auth_asym_id'             
14 6 'Structure model' '_struct_conn.ptnr2_auth_seq_id'              
15 6 'Structure model' '_struct_conn.ptnr2_label_asym_id'            
16 6 'Structure model' '_struct_site.pdbx_auth_asym_id'              
17 6 'Structure model' '_struct_site.pdbx_auth_comp_id'              
18 6 'Structure model' '_struct_site.pdbx_auth_seq_id'               
# 
loop_
_software.name 
_software.classification 
_software.version 
_software.citation_id 
_software.pdbx_ordinal 
SHELXL-97 refinement       . ? 1 
CNS       refinement       . ? 2 
DENZO     'data reduction' . ? 3 
CNS       phasing          . ? 4 
# 
loop_
_pdbx_validate_rmsd_angle.id 
_pdbx_validate_rmsd_angle.PDB_model_num 
_pdbx_validate_rmsd_angle.auth_atom_id_1 
_pdbx_validate_rmsd_angle.auth_asym_id_1 
_pdbx_validate_rmsd_angle.auth_comp_id_1 
_pdbx_validate_rmsd_angle.auth_seq_id_1 
_pdbx_validate_rmsd_angle.PDB_ins_code_1 
_pdbx_validate_rmsd_angle.label_alt_id_1 
_pdbx_validate_rmsd_angle.auth_atom_id_2 
_pdbx_validate_rmsd_angle.auth_asym_id_2 
_pdbx_validate_rmsd_angle.auth_comp_id_2 
_pdbx_validate_rmsd_angle.auth_seq_id_2 
_pdbx_validate_rmsd_angle.PDB_ins_code_2 
_pdbx_validate_rmsd_angle.label_alt_id_2 
_pdbx_validate_rmsd_angle.auth_atom_id_3 
_pdbx_validate_rmsd_angle.auth_asym_id_3 
_pdbx_validate_rmsd_angle.auth_comp_id_3 
_pdbx_validate_rmsd_angle.auth_seq_id_3 
_pdbx_validate_rmsd_angle.PDB_ins_code_3 
_pdbx_validate_rmsd_angle.label_alt_id_3 
_pdbx_validate_rmsd_angle.angle_value 
_pdbx_validate_rmsd_angle.angle_target_value 
_pdbx_validate_rmsd_angle.angle_deviation 
_pdbx_validate_rmsd_angle.angle_standard_deviation 
_pdbx_validate_rmsd_angle.linker_flag 
1 1 "O4'" A DA 5  ? ? "C1'" A DA 5  ? ? N9    A DA 5  ? ? 103.51 108.00 -4.49 0.70 N 
2 1 "O4'" A DT 7  ? ? "C1'" A DT 7  ? ? N1    A DT 7  ? ? 103.53 108.00 -4.47 0.70 N 
3 1 "C3'" A DG 10 ? ? "C2'" A DG 10 ? ? "C1'" A DG 10 ? ? 97.20  102.40 -5.20 0.80 N 
4 1 "O4'" A DG 10 ? ? "C1'" A DG 10 ? ? N9    A DG 10 ? ? 110.45 108.30 2.15  0.30 N 
5 1 "O4'" B DA 18 ? ? "C1'" B DA 18 ? ? N9    B DA 18 ? ? 103.73 108.00 -4.27 0.70 N 
6 1 "O4'" B DT 19 ? ? "C1'" B DT 19 ? ? N1    B DT 19 ? ? 101.38 108.00 -6.62 0.70 N 
7 1 "O4'" B DC 21 ? ? "C1'" B DC 21 ? ? N1    B DC 21 ? ? 100.88 108.00 -7.12 0.70 N 
# 
loop_
_chem_comp_atom.comp_id 
_chem_comp_atom.atom_id 
_chem_comp_atom.type_symbol 
_chem_comp_atom.pdbx_aromatic_flag 
_chem_comp_atom.pdbx_stereo_config 
_chem_comp_atom.pdbx_ordinal 
DA  OP3    O  N N 1   
DA  P      P  N N 2   
DA  OP1    O  N N 3   
DA  OP2    O  N N 4   
DA  "O5'"  O  N N 5   
DA  "C5'"  C  N N 6   
DA  "C4'"  C  N R 7   
DA  "O4'"  O  N N 8   
DA  "C3'"  C  N S 9   
DA  "O3'"  O  N N 10  
DA  "C2'"  C  N N 11  
DA  "C1'"  C  N R 12  
DA  N9     N  Y N 13  
DA  C8     C  Y N 14  
DA  N7     N  Y N 15  
DA  C5     C  Y N 16  
DA  C6     C  Y N 17  
DA  N6     N  N N 18  
DA  N1     N  Y N 19  
DA  C2     C  Y N 20  
DA  N3     N  Y N 21  
DA  C4     C  Y N 22  
DA  HOP3   H  N N 23  
DA  HOP2   H  N N 24  
DA  "H5'"  H  N N 25  
DA  "H5''" H  N N 26  
DA  "H4'"  H  N N 27  
DA  "H3'"  H  N N 28  
DA  "HO3'" H  N N 29  
DA  "H2'"  H  N N 30  
DA  "H2''" H  N N 31  
DA  "H1'"  H  N N 32  
DA  H8     H  N N 33  
DA  H61    H  N N 34  
DA  H62    H  N N 35  
DA  H2     H  N N 36  
DC  OP3    O  N N 37  
DC  P      P  N N 38  
DC  OP1    O  N N 39  
DC  OP2    O  N N 40  
DC  "O5'"  O  N N 41  
DC  "C5'"  C  N N 42  
DC  "C4'"  C  N R 43  
DC  "O4'"  O  N N 44  
DC  "C3'"  C  N S 45  
DC  "O3'"  O  N N 46  
DC  "C2'"  C  N N 47  
DC  "C1'"  C  N R 48  
DC  N1     N  N N 49  
DC  C2     C  N N 50  
DC  O2     O  N N 51  
DC  N3     N  N N 52  
DC  C4     C  N N 53  
DC  N4     N  N N 54  
DC  C5     C  N N 55  
DC  C6     C  N N 56  
DC  HOP3   H  N N 57  
DC  HOP2   H  N N 58  
DC  "H5'"  H  N N 59  
DC  "H5''" H  N N 60  
DC  "H4'"  H  N N 61  
DC  "H3'"  H  N N 62  
DC  "HO3'" H  N N 63  
DC  "H2'"  H  N N 64  
DC  "H2''" H  N N 65  
DC  "H1'"  H  N N 66  
DC  H41    H  N N 67  
DC  H42    H  N N 68  
DC  H5     H  N N 69  
DC  H6     H  N N 70  
DG  OP3    O  N N 71  
DG  P      P  N N 72  
DG  OP1    O  N N 73  
DG  OP2    O  N N 74  
DG  "O5'"  O  N N 75  
DG  "C5'"  C  N N 76  
DG  "C4'"  C  N R 77  
DG  "O4'"  O  N N 78  
DG  "C3'"  C  N S 79  
DG  "O3'"  O  N N 80  
DG  "C2'"  C  N N 81  
DG  "C1'"  C  N R 82  
DG  N9     N  Y N 83  
DG  C8     C  Y N 84  
DG  N7     N  Y N 85  
DG  C5     C  Y N 86  
DG  C6     C  N N 87  
DG  O6     O  N N 88  
DG  N1     N  N N 89  
DG  C2     C  N N 90  
DG  N2     N  N N 91  
DG  N3     N  N N 92  
DG  C4     C  Y N 93  
DG  HOP3   H  N N 94  
DG  HOP2   H  N N 95  
DG  "H5'"  H  N N 96  
DG  "H5''" H  N N 97  
DG  "H4'"  H  N N 98  
DG  "H3'"  H  N N 99  
DG  "HO3'" H  N N 100 
DG  "H2'"  H  N N 101 
DG  "H2''" H  N N 102 
DG  "H1'"  H  N N 103 
DG  H8     H  N N 104 
DG  H1     H  N N 105 
DG  H21    H  N N 106 
DG  H22    H  N N 107 
DT  OP3    O  N N 108 
DT  P      P  N N 109 
DT  OP1    O  N N 110 
DT  OP2    O  N N 111 
DT  "O5'"  O  N N 112 
DT  "C5'"  C  N N 113 
DT  "C4'"  C  N R 114 
DT  "O4'"  O  N N 115 
DT  "C3'"  C  N S 116 
DT  "O3'"  O  N N 117 
DT  "C2'"  C  N N 118 
DT  "C1'"  C  N R 119 
DT  N1     N  N N 120 
DT  C2     C  N N 121 
DT  O2     O  N N 122 
DT  N3     N  N N 123 
DT  C4     C  N N 124 
DT  O4     O  N N 125 
DT  C5     C  N N 126 
DT  C7     C  N N 127 
DT  C6     C  N N 128 
DT  HOP3   H  N N 129 
DT  HOP2   H  N N 130 
DT  "H5'"  H  N N 131 
DT  "H5''" H  N N 132 
DT  "H4'"  H  N N 133 
DT  "H3'"  H  N N 134 
DT  "HO3'" H  N N 135 
DT  "H2'"  H  N N 136 
DT  "H2''" H  N N 137 
DT  "H1'"  H  N N 138 
DT  H3     H  N N 139 
DT  H71    H  N N 140 
DT  H72    H  N N 141 
DT  H73    H  N N 142 
DT  H6     H  N N 143 
HOH O      O  N N 144 
HOH H1     H  N N 145 
HOH H2     H  N N 146 
MG  MG     MG N N 147 
RKA C1     C  Y N 148 
RKA C2     C  Y N 149 
RKA C3     C  Y N 150 
RKA N4     N  Y N 151 
RKA C5     C  Y N 152 
RKA C6     C  Y N 153 
RKA C7     C  Y N 154 
RKA C8     C  Y N 155 
RKA C9     C  Y N 156 
RKA C10    C  Y N 157 
RKA C11    C  Y N 158 
RKA C12    C  Y N 159 
RKA C13    C  Y N 160 
RKA C14    C  Y N 161 
RKA C15    C  Y N 162 
RKA C16    C  Y N 163 
RKA C17    C  Y N 164 
RKA N18    N  N N 165 
RKA C19    C  N N 166 
RKA N20    N  N N 167 
RKA C21    C  Y N 168 
RKA C22    C  Y N 169 
RKA C23    C  Y N 170 
RKA C24    C  Y N 171 
RKA C25    C  Y N 172 
RKA C26    C  Y N 173 
RKA N27    N  N N 174 
RKA C28    C  N N 175 
RKA N29    N  N N 176 
RKA C30    C  Y N 177 
RKA C31    C  Y N 178 
RKA C32    C  Y N 179 
RKA C33    C  Y N 180 
RKA C34    C  Y N 181 
RKA C35    C  Y N 182 
RKA H1     H  N N 183 
RKA H2     H  N N 184 
RKA HN4    H  N N 185 
RKA H7     H  N N 186 
RKA H8     H  N N 187 
RKA H10    H  N N 188 
RKA H11    H  N N 189 
RKA H13    H  N N 190 
RKA H14    H  N N 191 
RKA H16    H  N N 192 
RKA H17    H  N N 193 
RKA HN18   H  N N 194 
RKA HN20   H  N N 195 
RKA H22    H  N N 196 
RKA H23    H  N N 197 
RKA H24    H  N N 198 
RKA H25    H  N N 199 
RKA H26    H  N N 200 
RKA HN27   H  N N 201 
RKA HN29   H  N N 202 
RKA H31    H  N N 203 
RKA H32    H  N N 204 
RKA H33    H  N N 205 
RKA H34    H  N N 206 
RKA H35    H  N N 207 
# 
loop_
_chem_comp_bond.comp_id 
_chem_comp_bond.atom_id_1 
_chem_comp_bond.atom_id_2 
_chem_comp_bond.value_order 
_chem_comp_bond.pdbx_aromatic_flag 
_chem_comp_bond.pdbx_stereo_config 
_chem_comp_bond.pdbx_ordinal 
DA  OP3   P      sing N N 1   
DA  OP3   HOP3   sing N N 2   
DA  P     OP1    doub N N 3   
DA  P     OP2    sing N N 4   
DA  P     "O5'"  sing N N 5   
DA  OP2   HOP2   sing N N 6   
DA  "O5'" "C5'"  sing N N 7   
DA  "C5'" "C4'"  sing N N 8   
DA  "C5'" "H5'"  sing N N 9   
DA  "C5'" "H5''" sing N N 10  
DA  "C4'" "O4'"  sing N N 11  
DA  "C4'" "C3'"  sing N N 12  
DA  "C4'" "H4'"  sing N N 13  
DA  "O4'" "C1'"  sing N N 14  
DA  "C3'" "O3'"  sing N N 15  
DA  "C3'" "C2'"  sing N N 16  
DA  "C3'" "H3'"  sing N N 17  
DA  "O3'" "HO3'" sing N N 18  
DA  "C2'" "C1'"  sing N N 19  
DA  "C2'" "H2'"  sing N N 20  
DA  "C2'" "H2''" sing N N 21  
DA  "C1'" N9     sing N N 22  
DA  "C1'" "H1'"  sing N N 23  
DA  N9    C8     sing Y N 24  
DA  N9    C4     sing Y N 25  
DA  C8    N7     doub Y N 26  
DA  C8    H8     sing N N 27  
DA  N7    C5     sing Y N 28  
DA  C5    C6     sing Y N 29  
DA  C5    C4     doub Y N 30  
DA  C6    N6     sing N N 31  
DA  C6    N1     doub Y N 32  
DA  N6    H61    sing N N 33  
DA  N6    H62    sing N N 34  
DA  N1    C2     sing Y N 35  
DA  C2    N3     doub Y N 36  
DA  C2    H2     sing N N 37  
DA  N3    C4     sing Y N 38  
DC  OP3   P      sing N N 39  
DC  OP3   HOP3   sing N N 40  
DC  P     OP1    doub N N 41  
DC  P     OP2    sing N N 42  
DC  P     "O5'"  sing N N 43  
DC  OP2   HOP2   sing N N 44  
DC  "O5'" "C5'"  sing N N 45  
DC  "C5'" "C4'"  sing N N 46  
DC  "C5'" "H5'"  sing N N 47  
DC  "C5'" "H5''" sing N N 48  
DC  "C4'" "O4'"  sing N N 49  
DC  "C4'" "C3'"  sing N N 50  
DC  "C4'" "H4'"  sing N N 51  
DC  "O4'" "C1'"  sing N N 52  
DC  "C3'" "O3'"  sing N N 53  
DC  "C3'" "C2'"  sing N N 54  
DC  "C3'" "H3'"  sing N N 55  
DC  "O3'" "HO3'" sing N N 56  
DC  "C2'" "C1'"  sing N N 57  
DC  "C2'" "H2'"  sing N N 58  
DC  "C2'" "H2''" sing N N 59  
DC  "C1'" N1     sing N N 60  
DC  "C1'" "H1'"  sing N N 61  
DC  N1    C2     sing N N 62  
DC  N1    C6     sing N N 63  
DC  C2    O2     doub N N 64  
DC  C2    N3     sing N N 65  
DC  N3    C4     doub N N 66  
DC  C4    N4     sing N N 67  
DC  C4    C5     sing N N 68  
DC  N4    H41    sing N N 69  
DC  N4    H42    sing N N 70  
DC  C5    C6     doub N N 71  
DC  C5    H5     sing N N 72  
DC  C6    H6     sing N N 73  
DG  OP3   P      sing N N 74  
DG  OP3   HOP3   sing N N 75  
DG  P     OP1    doub N N 76  
DG  P     OP2    sing N N 77  
DG  P     "O5'"  sing N N 78  
DG  OP2   HOP2   sing N N 79  
DG  "O5'" "C5'"  sing N N 80  
DG  "C5'" "C4'"  sing N N 81  
DG  "C5'" "H5'"  sing N N 82  
DG  "C5'" "H5''" sing N N 83  
DG  "C4'" "O4'"  sing N N 84  
DG  "C4'" "C3'"  sing N N 85  
DG  "C4'" "H4'"  sing N N 86  
DG  "O4'" "C1'"  sing N N 87  
DG  "C3'" "O3'"  sing N N 88  
DG  "C3'" "C2'"  sing N N 89  
DG  "C3'" "H3'"  sing N N 90  
DG  "O3'" "HO3'" sing N N 91  
DG  "C2'" "C1'"  sing N N 92  
DG  "C2'" "H2'"  sing N N 93  
DG  "C2'" "H2''" sing N N 94  
DG  "C1'" N9     sing N N 95  
DG  "C1'" "H1'"  sing N N 96  
DG  N9    C8     sing Y N 97  
DG  N9    C4     sing Y N 98  
DG  C8    N7     doub Y N 99  
DG  C8    H8     sing N N 100 
DG  N7    C5     sing Y N 101 
DG  C5    C6     sing N N 102 
DG  C5    C4     doub Y N 103 
DG  C6    O6     doub N N 104 
DG  C6    N1     sing N N 105 
DG  N1    C2     sing N N 106 
DG  N1    H1     sing N N 107 
DG  C2    N2     sing N N 108 
DG  C2    N3     doub N N 109 
DG  N2    H21    sing N N 110 
DG  N2    H22    sing N N 111 
DG  N3    C4     sing N N 112 
DT  OP3   P      sing N N 113 
DT  OP3   HOP3   sing N N 114 
DT  P     OP1    doub N N 115 
DT  P     OP2    sing N N 116 
DT  P     "O5'"  sing N N 117 
DT  OP2   HOP2   sing N N 118 
DT  "O5'" "C5'"  sing N N 119 
DT  "C5'" "C4'"  sing N N 120 
DT  "C5'" "H5'"  sing N N 121 
DT  "C5'" "H5''" sing N N 122 
DT  "C4'" "O4'"  sing N N 123 
DT  "C4'" "C3'"  sing N N 124 
DT  "C4'" "H4'"  sing N N 125 
DT  "O4'" "C1'"  sing N N 126 
DT  "C3'" "O3'"  sing N N 127 
DT  "C3'" "C2'"  sing N N 128 
DT  "C3'" "H3'"  sing N N 129 
DT  "O3'" "HO3'" sing N N 130 
DT  "C2'" "C1'"  sing N N 131 
DT  "C2'" "H2'"  sing N N 132 
DT  "C2'" "H2''" sing N N 133 
DT  "C1'" N1     sing N N 134 
DT  "C1'" "H1'"  sing N N 135 
DT  N1    C2     sing N N 136 
DT  N1    C6     sing N N 137 
DT  C2    O2     doub N N 138 
DT  C2    N3     sing N N 139 
DT  N3    C4     sing N N 140 
DT  N3    H3     sing N N 141 
DT  C4    O4     doub N N 142 
DT  C4    C5     sing N N 143 
DT  C5    C7     sing N N 144 
DT  C5    C6     doub N N 145 
DT  C7    H71    sing N N 146 
DT  C7    H72    sing N N 147 
DT  C7    H73    sing N N 148 
DT  C6    H6     sing N N 149 
HOH O     H1     sing N N 150 
HOH O     H2     sing N N 151 
RKA C1    C2     sing Y N 152 
RKA C1    C5     doub Y N 153 
RKA C1    H1     sing N N 154 
RKA C2    C3     doub Y N 155 
RKA C2    H2     sing N N 156 
RKA C3    N4     sing Y N 157 
RKA C3    C6     sing Y N 158 
RKA N4    C5     sing Y N 159 
RKA N4    HN4    sing N N 160 
RKA C5    C12    sing Y N 161 
RKA C6    C7     sing Y N 162 
RKA C6    C11    doub Y N 163 
RKA C7    C8     doub Y N 164 
RKA C7    H7     sing N N 165 
RKA C8    C9     sing Y N 166 
RKA C8    H8     sing N N 167 
RKA C9    C10    doub Y N 168 
RKA C9    N27    sing N N 169 
RKA C10   C11    sing Y N 170 
RKA C10   H10    sing N N 171 
RKA C11   H11    sing N N 172 
RKA C12   C13    doub Y N 173 
RKA C12   C17    sing Y N 174 
RKA C13   C14    sing Y N 175 
RKA C13   H13    sing N N 176 
RKA C14   C15    doub Y N 177 
RKA C14   H14    sing N N 178 
RKA C15   C16    sing Y N 179 
RKA C15   N18    sing N N 180 
RKA C16   C17    doub Y N 181 
RKA C16   H16    sing N N 182 
RKA C17   H17    sing N N 183 
RKA N18   C19    sing N N 184 
RKA N18   HN18   sing N N 185 
RKA C19   N20    doub N Z 186 
RKA C19   C21    sing N N 187 
RKA N20   HN20   sing N N 188 
RKA C21   C22    doub Y N 189 
RKA C21   C26    sing Y N 190 
RKA C22   C23    sing Y N 191 
RKA C22   H22    sing N N 192 
RKA C23   C24    doub Y N 193 
RKA C23   H23    sing N N 194 
RKA C24   C25    sing Y N 195 
RKA C24   H24    sing N N 196 
RKA C25   C26    doub Y N 197 
RKA C25   H25    sing N N 198 
RKA C26   H26    sing N N 199 
RKA N27   C28    sing N N 200 
RKA N27   HN27   sing N N 201 
RKA C28   N29    doub N E 202 
RKA C28   C30    sing N N 203 
RKA N29   HN29   sing N N 204 
RKA C30   C31    doub Y N 205 
RKA C30   C35    sing Y N 206 
RKA C31   C32    sing Y N 207 
RKA C31   H31    sing N N 208 
RKA C32   C33    doub Y N 209 
RKA C32   H32    sing N N 210 
RKA C33   C34    sing Y N 211 
RKA C33   H33    sing N N 212 
RKA C34   C35    doub Y N 213 
RKA C34   H34    sing N N 214 
RKA C35   H35    sing N N 215 
# 
loop_
_ndb_struct_conf_na.entry_id 
_ndb_struct_conf_na.feature 
2GYX 'double helix'        
2GYX 'b-form double helix' 
# 
loop_
_ndb_struct_na_base_pair.model_number 
_ndb_struct_na_base_pair.i_label_asym_id 
_ndb_struct_na_base_pair.i_label_comp_id 
_ndb_struct_na_base_pair.i_label_seq_id 
_ndb_struct_na_base_pair.i_symmetry 
_ndb_struct_na_base_pair.j_label_asym_id 
_ndb_struct_na_base_pair.j_label_comp_id 
_ndb_struct_na_base_pair.j_label_seq_id 
_ndb_struct_na_base_pair.j_symmetry 
_ndb_struct_na_base_pair.shear 
_ndb_struct_na_base_pair.stretch 
_ndb_struct_na_base_pair.stagger 
_ndb_struct_na_base_pair.buckle 
_ndb_struct_na_base_pair.propeller 
_ndb_struct_na_base_pair.opening 
_ndb_struct_na_base_pair.pair_number 
_ndb_struct_na_base_pair.pair_name 
_ndb_struct_na_base_pair.i_auth_asym_id 
_ndb_struct_na_base_pair.i_auth_seq_id 
_ndb_struct_na_base_pair.i_PDB_ins_code 
_ndb_struct_na_base_pair.j_auth_asym_id 
_ndb_struct_na_base_pair.j_auth_seq_id 
_ndb_struct_na_base_pair.j_PDB_ins_code 
_ndb_struct_na_base_pair.hbond_type_28 
_ndb_struct_na_base_pair.hbond_type_12 
1 A DC 1  1_555 B DG 12 1_555 0.534  -0.313 0.072  3.981  -18.327 0.853  1  A_DC1:DG24_B  A 1  ? B 24 ? 19 1 
1 A DG 2  1_555 B DC 11 1_555 -0.085 -0.177 0.219  -0.768 -12.813 -2.864 2  A_DG2:DC23_B  A 2  ? B 23 ? 19 1 
1 A DC 3  1_555 B DG 10 1_555 0.339  -0.129 0.062  -6.041 -4.909  2.924  3  A_DC3:DG22_B  A 3  ? B 22 ? 19 1 
1 A DG 4  1_555 B DC 9  1_555 -0.274 -0.084 -0.240 5.066  -13.117 0.263  4  A_DG4:DC21_B  A 4  ? B 21 ? 19 1 
1 A DA 5  1_555 B DT 8  1_555 0.012  -0.146 0.014  5.918  -19.238 4.973  5  A_DA5:DT20_B  A 5  ? B 20 ? 20 1 
1 A DA 6  1_555 B DT 7  1_555 0.327  -0.185 0.016  -1.378 -17.495 6.398  6  A_DA6:DT19_B  A 6  ? B 19 ? 20 1 
1 A DT 7  1_555 B DA 6  1_555 0.057  -0.191 0.040  -4.772 -18.680 5.575  7  A_DT7:DA18_B  A 7  ? B 18 ? 20 1 
1 A DT 8  1_555 B DA 5  1_555 -0.306 -0.159 -0.239 -1.908 -18.156 5.840  8  A_DT8:DA17_B  A 8  ? B 17 ? 20 1 
1 A DC 9  1_555 B DG 4  1_555 0.145  -0.105 -0.150 -2.609 -12.467 -1.493 9  A_DC9:DG16_B  A 9  ? B 16 ? 19 1 
1 A DG 10 1_555 B DC 3  1_555 0.286  -0.311 0.261  10.750 -8.838  -2.476 10 A_DG10:DC15_B A 10 ? B 15 ? 19 1 
1 A DC 11 1_555 B DG 2  1_555 0.015  -0.299 0.422  5.056  -19.807 -8.613 11 A_DC11:DG14_B A 11 ? B 14 ? 19 1 
1 A DG 12 1_555 B DC 1  1_555 -0.591 -0.216 -0.684 6.397  24.939  -4.795 12 A_DG12:DC13_B A 12 ? B 13 ? 19 1 
# 
loop_
_ndb_struct_na_base_pair_step.model_number 
_ndb_struct_na_base_pair_step.i_label_asym_id_1 
_ndb_struct_na_base_pair_step.i_label_comp_id_1 
_ndb_struct_na_base_pair_step.i_label_seq_id_1 
_ndb_struct_na_base_pair_step.i_symmetry_1 
_ndb_struct_na_base_pair_step.j_label_asym_id_1 
_ndb_struct_na_base_pair_step.j_label_comp_id_1 
_ndb_struct_na_base_pair_step.j_label_seq_id_1 
_ndb_struct_na_base_pair_step.j_symmetry_1 
_ndb_struct_na_base_pair_step.i_label_asym_id_2 
_ndb_struct_na_base_pair_step.i_label_comp_id_2 
_ndb_struct_na_base_pair_step.i_label_seq_id_2 
_ndb_struct_na_base_pair_step.i_symmetry_2 
_ndb_struct_na_base_pair_step.j_label_asym_id_2 
_ndb_struct_na_base_pair_step.j_label_comp_id_2 
_ndb_struct_na_base_pair_step.j_label_seq_id_2 
_ndb_struct_na_base_pair_step.j_symmetry_2 
_ndb_struct_na_base_pair_step.shift 
_ndb_struct_na_base_pair_step.slide 
_ndb_struct_na_base_pair_step.rise 
_ndb_struct_na_base_pair_step.tilt 
_ndb_struct_na_base_pair_step.roll 
_ndb_struct_na_base_pair_step.twist 
_ndb_struct_na_base_pair_step.x_displacement 
_ndb_struct_na_base_pair_step.y_displacement 
_ndb_struct_na_base_pair_step.helical_rise 
_ndb_struct_na_base_pair_step.inclination 
_ndb_struct_na_base_pair_step.tip 
_ndb_struct_na_base_pair_step.helical_twist 
_ndb_struct_na_base_pair_step.step_number 
_ndb_struct_na_base_pair_step.step_name 
_ndb_struct_na_base_pair_step.i_auth_asym_id_1 
_ndb_struct_na_base_pair_step.i_auth_seq_id_1 
_ndb_struct_na_base_pair_step.i_PDB_ins_code_1 
_ndb_struct_na_base_pair_step.j_auth_asym_id_1 
_ndb_struct_na_base_pair_step.j_auth_seq_id_1 
_ndb_struct_na_base_pair_step.j_PDB_ins_code_1 
_ndb_struct_na_base_pair_step.i_auth_asym_id_2 
_ndb_struct_na_base_pair_step.i_auth_seq_id_2 
_ndb_struct_na_base_pair_step.i_PDB_ins_code_2 
_ndb_struct_na_base_pair_step.j_auth_asym_id_2 
_ndb_struct_na_base_pair_step.j_auth_seq_id_2 
_ndb_struct_na_base_pair_step.j_PDB_ins_code_2 
1 A DC 1  1_555 B DG 12 1_555 A DG 2  1_555 B DC 11 1_555 -0.155 0.095  3.444 0.991  6.499   33.029 -0.955 0.438  3.394 11.291  
-1.722  33.659 1  AA_DC1DG2:DC23DG24_BB   A 1  ? B 24 ? A 2  ? B 23 ? 
1 A DG 2  1_555 B DC 11 1_555 A DC 3  1_555 B DG 10 1_555 0.806  0.687  3.422 2.546  -4.198  42.785 1.368  -0.836 3.383 -5.732  
-3.476  43.053 2  AA_DG2DC3:DG22DC23_BB   A 2  ? B 23 ? A 3  ? B 22 ? 
1 A DC 3  1_555 B DG 10 1_555 A DG 4  1_555 B DC 9  1_555 -0.449 0.771  3.235 4.388  10.805  25.158 -1.079 2.030  3.170 23.277  
-9.452  27.690 3  AA_DC3DG4:DC21DG22_BB   A 3  ? B 22 ? A 4  ? B 21 ? 
1 A DG 4  1_555 B DC 9  1_555 A DA 5  1_555 B DT 8  1_555 0.278  0.278  3.188 -1.501 3.688   36.748 -0.047 -0.636 3.186 5.829   
2.372   36.956 4  AA_DG4DA5:DT20DC21_BB   A 4  ? B 21 ? A 5  ? B 20 ? 
1 A DA 5  1_555 B DT 8  1_555 A DA 6  1_555 B DT 7  1_555 -0.238 -0.112 3.371 -1.636 2.985   36.592 -0.597 0.148  3.359 4.741   
2.599   36.745 5  AA_DA5DA6:DT19DT20_BB   A 5  ? B 20 ? A 6  ? B 19 ? 
1 A DA 6  1_555 B DT 7  1_555 A DT 7  1_555 B DA 6  1_555 0.045  -0.653 3.247 0.955  -1.363  33.036 -0.917 0.081  3.271 -2.394  
-1.677  33.077 6  AA_DA6DT7:DA18DT19_BB   A 6  ? B 19 ? A 7  ? B 18 ? 
1 A DT 7  1_555 B DA 6  1_555 A DT 8  1_555 B DA 5  1_555 0.008  0.028  3.086 2.875  0.703   34.893 -0.053 0.394  3.077 1.171   
-4.783  35.014 7  AA_DT7DT8:DA17DA18_BB   A 7  ? B 18 ? A 8  ? B 17 ? 
1 A DT 8  1_555 B DA 5  1_555 A DC 9  1_555 B DG 4  1_555 -0.231 0.162  3.301 1.665  -0.164  39.435 0.259  0.540  3.288 -0.244  
-2.466  39.469 8  AA_DT8DC9:DG16DA17_BB   A 8  ? B 17 ? A 9  ? B 16 ? 
1 A DC 9  1_555 B DG 4  1_555 A DG 10 1_555 B DC 3  1_555 0.457  1.021  3.165 -3.994 9.026   30.880 0.232  -1.527 3.244 16.433  
7.272   32.383 9  AA_DC9DG10:DC15DG16_BB  A 9  ? B 16 ? A 10 ? B 15 ? 
1 A DG 10 1_555 B DC 3  1_555 A DC 11 1_555 B DG 2  1_555 -1.227 0.513  3.508 -6.142 -14.401 39.952 2.256  1.019  3.288 -20.164 
8.600   42.793 10 AA_DG10DC11:DG14DC15_BB A 10 ? B 15 ? A 11 ? B 14 ? 
1 A DC 11 1_555 B DG 2  1_555 A DG 12 1_555 B DC 1  1_555 1.468  0.506  3.648 9.476  -12.506 33.587 2.742  -0.842 3.523 -20.321 
-15.398 36.976 11 AA_DC11DG12:DC13DG14_BB A 11 ? B 14 ? A 12 ? B 13 ? 
# 
loop_
_pdbx_entity_nonpoly.entity_id 
_pdbx_entity_nonpoly.name 
_pdbx_entity_nonpoly.comp_id 
2 'MAGNESIUM ION'                                                      MG  
3 "N,N'-(1H-PYRROLE-2,5-DIYLDI-4,1-PHENYLENE)DIBENZENECARBOXIMIDAMIDE" RKA 
4 water                                                                HOH 
# 
_pdbx_initial_refinement_model.id               1 
_pdbx_initial_refinement_model.entity_id_list   ? 
_pdbx_initial_refinement_model.type             'experimental model' 
_pdbx_initial_refinement_model.source_name      PDB 
_pdbx_initial_refinement_model.accession_code   2DBE 
_pdbx_initial_refinement_model.details          'DNA PART OF NDB ENTRY GDL009 OR PDB ENTRY 2DBE' 
# 
